data_4W89
#
_entry.id   4W89
#
_cell.length_a   96.704
_cell.length_b   96.704
_cell.length_c   95.719
_cell.angle_alpha   90.000
_cell.angle_beta   90.000
_cell.angle_gamma   120.000
#
_symmetry.space_group_name_H-M   'P 31'
#
loop_
_entity.id
_entity.type
_entity.pdbx_description
1 polymer 'Xyloglucan-specific endo-beta-1,4-glucanase'
2 branched beta-D-glucopyranose-(1-4)-beta-D-glucopyranose-(1-4)-alpha-D-glucopyranose
3 non-polymer 'MAGNESIUM ION'
4 water water
#
_entity_poly.entity_id   1
_entity_poly.type   'polypeptide(L)'
_entity_poly.pdbx_seq_one_letter_code
;DRSRVFDILSNINIGWNLGNTLDATGGGNSVNAETSWGNPKTTQEIVDTVNDRGFNAIRIPVTFANHLGPAPEYTISADW
LARVKEVVDYAVNDGMYIILDTHHETNYWLKTDPNNEAALCEELAAIWKQLAEAFKDYDEKLMFEGMNEPRMAGSAKEWS
GGTPAERKLINAMNKAFIDAVRATGGNNADRVLIICTYGHNSDEPTLKDLEIPSDPNIAVALHTYTPYFFTYVADGSYSV
WNGSKKNDITWQYNNIKKYLIDKGIPVVITETGAQFKENTEDIVRWIGDYVGTLDQDGVKCFIWDNNIYHGNGEKFGLLN
RSLLKWYNDDIVDAYVNHA
;
_entity_poly.pdbx_strand_id   A,B
#
# COMPACT_ATOMS: atom_id res chain seq x y z
N ASP A 1 1.40 11.14 0.68
CA ASP A 1 2.35 11.39 1.81
C ASP A 1 3.32 10.22 1.99
N ARG A 2 4.58 10.46 1.66
CA ARG A 2 5.59 9.41 1.61
C ARG A 2 6.61 9.59 2.74
N SER A 3 6.21 10.30 3.79
CA SER A 3 7.13 10.72 4.85
C SER A 3 7.70 9.58 5.69
N ARG A 4 7.05 8.42 5.71
CA ARG A 4 7.55 7.26 6.45
C ARG A 4 8.86 6.74 5.85
N VAL A 5 8.99 6.79 4.53
CA VAL A 5 10.20 6.37 3.85
C VAL A 5 11.35 7.32 4.17
N PHE A 6 11.04 8.62 4.18
CA PHE A 6 12.02 9.64 4.53
C PHE A 6 12.57 9.44 5.94
N ASP A 7 11.68 9.14 6.90
CA ASP A 7 12.08 8.93 8.30
C ASP A 7 13.00 7.73 8.43
N ILE A 8 12.63 6.63 7.77
CA ILE A 8 13.45 5.42 7.78
C ILE A 8 14.81 5.71 7.17
N LEU A 9 14.83 6.34 6.00
CA LEU A 9 16.08 6.61 5.30
C LEU A 9 16.97 7.57 6.07
N SER A 10 16.38 8.58 6.72
CA SER A 10 17.14 9.57 7.48
C SER A 10 18.03 8.95 8.56
N ASN A 11 17.70 7.73 9.01
CA ASN A 11 18.54 7.01 9.97
C ASN A 11 19.90 6.53 9.42
N ILE A 12 20.08 6.54 8.11
CA ILE A 12 21.34 6.11 7.51
C ILE A 12 22.37 7.22 7.60
N ASN A 13 23.59 6.87 7.99
CA ASN A 13 24.73 7.75 7.79
C ASN A 13 25.09 7.72 6.30
N ILE A 14 25.52 6.56 5.85
CA ILE A 14 25.96 6.34 4.47
C ILE A 14 26.16 4.83 4.27
N GLY A 15 25.93 4.35 3.05
CA GLY A 15 25.90 2.93 2.76
C GLY A 15 27.12 2.34 2.06
N TRP A 16 27.15 1.02 1.98
CA TRP A 16 28.30 0.27 1.47
C TRP A 16 27.82 -1.00 0.76
N ASN A 17 28.24 -1.21 -0.49
CA ASN A 17 27.88 -2.41 -1.25
C ASN A 17 28.85 -3.57 -1.01
N LEU A 18 28.30 -4.75 -0.76
CA LEU A 18 29.09 -5.98 -0.76
C LEU A 18 29.26 -6.44 -2.21
N GLY A 19 30.08 -5.71 -2.97
CA GLY A 19 30.20 -5.90 -4.42
C GLY A 19 31.06 -7.08 -4.85
N ASN A 20 30.77 -7.59 -6.05
CA ASN A 20 31.51 -8.71 -6.64
C ASN A 20 31.54 -9.96 -5.74
N THR A 21 30.39 -10.25 -5.15
CA THR A 21 30.30 -11.28 -4.12
C THR A 21 29.12 -12.21 -4.43
N LEU A 22 27.93 -11.93 -3.88
CA LEU A 22 26.74 -12.72 -4.23
C LEU A 22 26.21 -12.37 -5.62
N ASP A 23 26.61 -11.21 -6.12
CA ASP A 23 26.32 -10.80 -7.50
C ASP A 23 27.16 -11.56 -8.54
N ALA A 24 28.28 -12.12 -8.11
CA ALA A 24 29.21 -12.83 -9.02
C ALA A 24 28.54 -14.06 -9.63
N THR A 25 28.93 -14.40 -10.86
CA THR A 25 28.17 -15.33 -11.69
C THR A 25 28.88 -16.64 -12.03
N GLY A 26 30.06 -16.88 -11.48
CA GLY A 26 30.74 -18.15 -11.67
C GLY A 26 30.13 -19.20 -10.77
N GLY A 27 30.66 -20.42 -10.81
CA GLY A 27 30.22 -21.49 -9.91
C GLY A 27 28.90 -22.20 -10.23
N GLY A 28 28.10 -21.63 -11.13
CA GLY A 28 26.82 -22.23 -11.51
C GLY A 28 25.83 -22.26 -10.34
N ASN A 29 25.07 -23.34 -10.25
CA ASN A 29 24.06 -23.50 -9.21
C ASN A 29 24.73 -24.01 -7.94
N SER A 30 25.46 -23.12 -7.28
CA SER A 30 26.26 -23.48 -6.10
C SER A 30 26.64 -22.25 -5.31
N VAL A 31 26.79 -22.42 -4.00
CA VAL A 31 27.20 -21.32 -3.11
C VAL A 31 28.60 -20.77 -3.40
N ASN A 32 29.38 -21.51 -4.18
CA ASN A 32 30.71 -21.07 -4.60
C ASN A 32 30.67 -19.85 -5.51
N ALA A 33 29.50 -19.53 -6.06
CA ALA A 33 29.34 -18.30 -6.83
C ALA A 33 29.83 -17.09 -6.04
N GLU A 34 29.59 -17.11 -4.73
CA GLU A 34 30.04 -16.05 -3.84
C GLU A 34 31.54 -15.73 -3.98
N THR A 35 32.36 -16.77 -4.14
CA THR A 35 33.82 -16.61 -4.21
C THR A 35 34.35 -16.68 -5.64
N SER A 36 33.46 -16.81 -6.62
CA SER A 36 33.86 -17.06 -8.00
C SER A 36 34.65 -15.92 -8.63
N TRP A 37 34.41 -14.68 -8.18
CA TRP A 37 35.19 -13.54 -8.70
C TRP A 37 36.36 -13.14 -7.80
N GLY A 38 36.77 -14.04 -6.90
CA GLY A 38 38.02 -13.88 -6.16
C GLY A 38 37.93 -13.24 -4.79
N ASN A 39 36.71 -12.99 -4.31
CA ASN A 39 36.52 -12.48 -2.95
C ASN A 39 36.30 -13.61 -1.95
N PRO A 40 36.70 -13.40 -0.69
CA PRO A 40 36.53 -14.42 0.33
C PRO A 40 35.08 -14.55 0.75
N LYS A 41 34.73 -15.70 1.31
CA LYS A 41 33.39 -15.94 1.79
C LYS A 41 33.04 -14.91 2.85
N THR A 42 31.91 -14.22 2.67
CA THR A 42 31.51 -13.16 3.59
C THR A 42 31.31 -13.70 5.00
N THR A 43 31.75 -12.91 5.99
CA THR A 43 31.67 -13.28 7.40
C THR A 43 31.02 -12.18 8.20
N GLN A 44 30.47 -12.55 9.35
CA GLN A 44 29.95 -11.58 10.32
C GLN A 44 30.99 -10.50 10.63
N GLU A 45 32.25 -10.93 10.76
CA GLU A 45 33.35 -10.01 11.06
C GLU A 45 33.49 -8.93 10.00
N ILE A 46 33.33 -9.30 8.73
CA ILE A 46 33.43 -8.33 7.64
C ILE A 46 32.32 -7.29 7.75
N VAL A 47 31.09 -7.73 8.01
CA VAL A 47 29.96 -6.82 8.14
C VAL A 47 30.14 -5.93 9.36
N ASP A 48 30.57 -6.53 10.48
CA ASP A 48 30.86 -5.76 11.70
C ASP A 48 31.76 -4.58 11.35
N THR A 49 32.85 -4.87 10.64
CA THR A 49 33.86 -3.87 10.28
C THR A 49 33.26 -2.72 9.49
N VAL A 50 32.40 -3.07 8.54
CA VAL A 50 31.72 -2.08 7.70
C VAL A 50 30.87 -1.18 8.59
N ASN A 51 30.04 -1.82 9.41
CA ASN A 51 29.18 -1.10 10.35
C ASN A 51 29.98 -0.25 11.33
N ASP A 52 31.03 -0.82 11.90
CA ASP A 52 31.84 -0.13 12.91
C ASP A 52 32.52 1.12 12.39
N ARG A 53 32.87 1.13 11.10
CA ARG A 53 33.56 2.26 10.51
C ARG A 53 32.64 3.45 10.29
N GLY A 54 31.32 3.20 10.28
CA GLY A 54 30.34 4.26 10.07
C GLY A 54 29.34 3.97 8.96
N PHE A 55 29.55 2.89 8.21
CA PHE A 55 28.59 2.48 7.19
C PHE A 55 27.49 1.67 7.86
N ASN A 56 26.51 2.34 8.45
CA ASN A 56 25.43 1.67 9.17
C ASN A 56 24.35 1.10 8.24
N ALA A 57 24.56 1.27 6.94
CA ALA A 57 23.66 0.75 5.92
C ALA A 57 24.46 -0.09 4.93
N ILE A 58 23.86 -1.17 4.42
CA ILE A 58 24.55 -2.08 3.52
C ILE A 58 23.68 -2.62 2.39
N ARG A 59 24.17 -2.49 1.16
CA ARG A 59 23.53 -3.09 -0.01
C ARG A 59 24.17 -4.44 -0.30
N ILE A 60 23.33 -5.46 -0.42
CA ILE A 60 23.78 -6.81 -0.70
C ILE A 60 23.31 -7.19 -2.10
N PRO A 61 24.16 -6.95 -3.11
CA PRO A 61 23.77 -7.34 -4.45
C PRO A 61 23.84 -8.86 -4.63
N VAL A 62 22.83 -9.42 -5.26
CA VAL A 62 22.73 -10.87 -5.45
C VAL A 62 22.26 -11.15 -6.87
N THR A 63 22.97 -12.03 -7.55
CA THR A 63 22.53 -12.48 -8.86
C THR A 63 21.98 -13.89 -8.70
N PHE A 64 20.72 -14.05 -9.06
CA PHE A 64 19.95 -15.27 -8.79
C PHE A 64 19.91 -16.23 -9.97
N ALA A 65 19.92 -15.67 -11.18
CA ALA A 65 19.86 -16.42 -12.45
C ALA A 65 20.31 -17.88 -12.39
N ASN A 66 21.60 -18.11 -12.15
CA ASN A 66 22.14 -19.47 -12.19
C ASN A 66 21.69 -20.38 -11.05
N HIS A 67 21.00 -19.79 -10.07
CA HIS A 67 20.51 -20.55 -8.93
C HIS A 67 18.99 -20.74 -9.01
N LEU A 68 18.41 -20.48 -10.18
CA LEU A 68 16.97 -20.60 -10.36
C LEU A 68 16.62 -21.89 -11.09
N GLY A 69 15.54 -22.53 -10.65
CA GLY A 69 14.99 -23.67 -11.37
C GLY A 69 14.42 -23.21 -12.70
N PRO A 70 13.89 -24.15 -13.48
CA PRO A 70 13.33 -23.78 -14.78
C PRO A 70 12.04 -22.96 -14.64
N ALA A 71 11.71 -22.23 -15.69
CA ALA A 71 10.42 -21.55 -15.78
C ALA A 71 9.30 -22.59 -15.75
N PRO A 72 8.10 -22.21 -15.26
CA PRO A 72 7.69 -20.90 -14.73
C PRO A 72 7.88 -20.68 -13.21
N GLU A 73 8.22 -21.72 -12.46
CA GLU A 73 8.39 -21.59 -11.00
C GLU A 73 9.61 -20.73 -10.66
N TYR A 74 10.70 -20.94 -11.39
CA TYR A 74 11.97 -20.28 -11.12
C TYR A 74 12.37 -20.46 -9.65
N THR A 75 12.23 -21.68 -9.14
CA THR A 75 12.50 -21.95 -7.74
C THR A 75 13.95 -21.62 -7.40
N ILE A 76 14.15 -20.74 -6.42
CA ILE A 76 15.48 -20.40 -5.95
C ILE A 76 16.02 -21.62 -5.20
N SER A 77 17.20 -22.07 -5.59
CA SER A 77 17.81 -23.23 -4.94
C SER A 77 17.95 -22.97 -3.44
N ALA A 78 17.50 -23.91 -2.63
CA ALA A 78 17.45 -23.75 -1.17
C ALA A 78 18.78 -23.35 -0.56
N ASP A 79 19.86 -23.95 -1.03
CA ASP A 79 21.20 -23.64 -0.53
C ASP A 79 21.56 -22.17 -0.76
N TRP A 80 21.18 -21.63 -1.93
CA TRP A 80 21.47 -20.25 -2.26
C TRP A 80 20.62 -19.28 -1.44
N LEU A 81 19.32 -19.57 -1.33
CA LEU A 81 18.43 -18.76 -0.52
C LEU A 81 18.90 -18.71 0.94
N ALA A 82 19.30 -19.86 1.47
CA ALA A 82 19.79 -19.94 2.84
C ALA A 82 21.06 -19.10 3.04
N ARG A 83 21.92 -19.09 2.03
CA ARG A 83 23.18 -18.34 2.12
C ARG A 83 22.92 -16.83 2.05
N VAL A 84 22.06 -16.41 1.14
CA VAL A 84 21.66 -15.01 1.06
C VAL A 84 21.10 -14.56 2.41
N LYS A 85 20.24 -15.40 2.98
CA LYS A 85 19.67 -15.16 4.29
C LYS A 85 20.74 -14.99 5.38
N GLU A 86 21.75 -15.86 5.37
CA GLU A 86 22.90 -15.74 6.28
C GLU A 86 23.55 -14.36 6.21
N VAL A 87 23.80 -13.90 4.98
CA VAL A 87 24.52 -12.66 4.77
C VAL A 87 23.66 -11.47 5.22
N VAL A 88 22.38 -11.50 4.84
CA VAL A 88 21.44 -10.50 5.33
C VAL A 88 21.43 -10.50 6.86
N ASP A 89 21.39 -11.69 7.47
CA ASP A 89 21.35 -11.82 8.93
C ASP A 89 22.55 -11.18 9.62
N TYR A 90 23.72 -11.23 9.00
CA TYR A 90 24.90 -10.54 9.53
C TYR A 90 24.58 -9.10 9.82
N ALA A 91 23.96 -8.44 8.86
CA ALA A 91 23.61 -7.03 9.00
C ALA A 91 22.48 -6.82 10.00
N VAL A 92 21.54 -7.76 10.06
CA VAL A 92 20.42 -7.68 10.99
C VAL A 92 20.91 -7.80 12.44
N ASN A 93 21.88 -8.69 12.64
CA ASN A 93 22.51 -8.86 13.95
C ASN A 93 23.19 -7.59 14.43
N ASP A 94 23.66 -6.79 13.48
CA ASP A 94 24.26 -5.49 13.79
C ASP A 94 23.25 -4.34 13.69
N GLY A 95 21.98 -4.68 13.52
CA GLY A 95 20.91 -3.68 13.46
C GLY A 95 21.13 -2.65 12.37
N MET A 96 21.67 -3.11 11.25
CA MET A 96 21.99 -2.21 10.14
C MET A 96 20.79 -2.04 9.22
N TYR A 97 20.82 -0.95 8.46
CA TYR A 97 19.92 -0.77 7.34
C TYR A 97 20.45 -1.57 6.16
N ILE A 98 19.55 -2.25 5.45
CA ILE A 98 19.92 -3.22 4.44
C ILE A 98 19.10 -3.05 3.17
N ILE A 99 19.79 -3.10 2.02
CA ILE A 99 19.14 -3.28 0.73
C ILE A 99 19.49 -4.65 0.16
N LEU A 100 18.47 -5.42 -0.20
CA LEU A 100 18.66 -6.64 -0.98
C LEU A 100 18.15 -6.35 -2.38
N ASP A 101 18.95 -6.69 -3.39
CA ASP A 101 18.50 -6.56 -4.77
C ASP A 101 18.57 -7.87 -5.53
N THR A 102 18.18 -7.81 -6.81
CA THR A 102 18.62 -8.79 -7.81
C THR A 102 19.64 -8.01 -8.63
N HIS A 103 20.68 -8.69 -9.12
CA HIS A 103 21.80 -7.95 -9.68
C HIS A 103 22.07 -8.24 -11.16
N HIS A 104 23.05 -9.09 -11.49
CA HIS A 104 23.42 -9.30 -12.90
C HIS A 104 22.46 -10.25 -13.62
N GLU A 105 21.17 -10.10 -13.34
CA GLU A 105 20.12 -10.84 -14.04
C GLU A 105 20.12 -10.42 -15.52
N THR A 106 20.55 -9.18 -15.74
CA THR A 106 20.78 -8.59 -17.06
C THR A 106 21.72 -9.38 -17.97
N ASN A 107 22.64 -10.14 -17.38
CA ASN A 107 23.47 -11.09 -18.13
C ASN A 107 22.68 -12.29 -18.65
N TYR A 108 21.48 -12.51 -18.11
CA TYR A 108 20.75 -13.76 -18.35
C TYR A 108 19.39 -13.52 -18.94
N TRP A 109 18.37 -13.46 -18.09
CA TRP A 109 16.98 -13.40 -18.54
C TRP A 109 16.47 -11.96 -18.63
N LEU A 110 17.10 -11.05 -17.90
CA LEU A 110 16.60 -9.67 -17.84
C LEU A 110 17.15 -8.84 -19.00
N LYS A 111 16.53 -9.03 -20.17
CA LYS A 111 16.85 -8.28 -21.38
C LYS A 111 15.64 -7.42 -21.70
N THR A 112 15.81 -6.10 -21.71
CA THR A 112 14.67 -5.18 -21.84
C THR A 112 14.10 -5.14 -23.27
N ASP A 113 13.45 -6.22 -23.67
CA ASP A 113 12.74 -6.29 -24.95
C ASP A 113 11.26 -6.03 -24.69
N PRO A 114 10.75 -4.84 -25.08
CA PRO A 114 9.35 -4.51 -24.87
C PRO A 114 8.38 -5.62 -25.27
N ASN A 115 8.69 -6.32 -26.35
CA ASN A 115 7.84 -7.41 -26.84
C ASN A 115 7.78 -8.63 -25.94
N ASN A 116 8.68 -8.70 -24.96
CA ASN A 116 8.69 -9.83 -24.03
C ASN A 116 8.27 -9.43 -22.61
N GLU A 117 7.56 -8.31 -22.50
CA GLU A 117 7.09 -7.79 -21.22
C GLU A 117 6.58 -8.87 -20.26
N ALA A 118 5.54 -9.59 -20.65
CA ALA A 118 4.91 -10.59 -19.78
C ALA A 118 5.93 -11.56 -19.16
N ALA A 119 6.78 -12.15 -19.99
CA ALA A 119 7.77 -13.13 -19.51
C ALA A 119 8.74 -12.51 -18.51
N LEU A 120 9.17 -11.30 -18.80
CA LEU A 120 10.07 -10.57 -17.90
C LEU A 120 9.39 -10.26 -16.57
N CYS A 121 8.21 -9.64 -16.66
CA CYS A 121 7.43 -9.33 -15.46
C CYS A 121 7.17 -10.57 -14.60
N GLU A 122 6.77 -11.66 -15.24
CA GLU A 122 6.44 -12.90 -14.53
C GLU A 122 7.64 -13.52 -13.80
N GLU A 123 8.81 -13.51 -14.44
CA GLU A 123 10.02 -14.04 -13.80
C GLU A 123 10.44 -13.16 -12.62
N LEU A 124 10.44 -11.85 -12.81
CA LEU A 124 10.79 -10.94 -11.73
C LEU A 124 9.87 -11.18 -10.53
N ALA A 125 8.57 -11.19 -10.80
CA ALA A 125 7.55 -11.50 -9.80
C ALA A 125 7.80 -12.84 -9.09
N ALA A 126 8.10 -13.88 -9.85
CA ALA A 126 8.28 -15.22 -9.27
C ALA A 126 9.50 -15.29 -8.37
N ILE A 127 10.51 -14.48 -8.66
CA ILE A 127 11.72 -14.43 -7.83
C ILE A 127 11.43 -13.66 -6.55
N TRP A 128 10.80 -12.50 -6.69
CA TRP A 128 10.54 -11.64 -5.53
C TRP A 128 9.49 -12.20 -4.58
N LYS A 129 8.55 -12.97 -5.11
CA LYS A 129 7.58 -13.70 -4.27
C LYS A 129 8.32 -14.57 -3.27
N GLN A 130 9.23 -15.39 -3.77
CA GLN A 130 10.03 -16.30 -2.94
C GLN A 130 10.92 -15.55 -1.95
N LEU A 131 11.58 -14.50 -2.43
CA LEU A 131 12.39 -13.65 -1.56
C LEU A 131 11.55 -12.95 -0.49
N ALA A 132 10.44 -12.36 -0.91
CA ALA A 132 9.53 -11.69 0.02
C ALA A 132 9.01 -12.68 1.08
N GLU A 133 8.74 -13.91 0.66
CA GLU A 133 8.30 -14.94 1.58
C GLU A 133 9.40 -15.27 2.60
N ALA A 134 10.62 -15.46 2.11
CA ALA A 134 11.74 -15.82 2.99
C ALA A 134 12.08 -14.73 4.00
N PHE A 135 11.80 -13.47 3.65
CA PHE A 135 12.11 -12.35 4.52
C PHE A 135 10.84 -11.66 5.05
N LYS A 136 9.75 -12.41 5.13
CA LYS A 136 8.45 -11.92 5.59
C LYS A 136 8.54 -11.24 6.95
N ASP A 137 9.28 -11.86 7.85
CA ASP A 137 9.32 -11.45 9.26
C ASP A 137 10.35 -10.37 9.55
N TYR A 138 11.15 -10.00 8.56
CA TYR A 138 12.23 -9.04 8.76
C TYR A 138 11.64 -7.63 8.86
N ASP A 139 12.19 -6.82 9.76
CA ASP A 139 11.63 -5.51 10.07
C ASP A 139 11.87 -4.47 8.96
N GLU A 140 11.51 -3.22 9.25
CA GLU A 140 11.53 -2.14 8.27
C GLU A 140 12.93 -1.68 7.86
N LYS A 141 13.95 -2.11 8.60
CA LYS A 141 15.32 -1.74 8.26
C LYS A 141 15.79 -2.51 7.03
N LEU A 142 15.13 -3.62 6.70
CA LEU A 142 15.39 -4.37 5.48
C LEU A 142 14.54 -3.83 4.33
N MET A 143 15.21 -3.37 3.29
CA MET A 143 14.56 -2.83 2.10
C MET A 143 14.85 -3.74 0.91
N PHE A 144 13.93 -3.76 -0.06
CA PHE A 144 14.14 -4.48 -1.31
C PHE A 144 14.35 -3.49 -2.46
N GLU A 145 15.31 -3.81 -3.32
CA GLU A 145 15.52 -3.09 -4.58
C GLU A 145 15.31 -4.09 -5.71
N GLY A 146 14.23 -3.91 -6.45
CA GLY A 146 13.76 -4.92 -7.40
C GLY A 146 14.76 -5.36 -8.45
N MET A 147 15.41 -4.39 -9.09
CA MET A 147 16.30 -4.65 -10.21
C MET A 147 17.59 -3.86 -10.08
N ASN A 148 18.66 -4.36 -10.69
CA ASN A 148 19.89 -3.59 -10.85
C ASN A 148 20.20 -3.29 -12.32
N GLU A 149 20.28 -1.99 -12.61
CA GLU A 149 20.56 -1.47 -13.94
C GLU A 149 19.87 -2.26 -15.05
N PRO A 150 18.53 -2.41 -14.95
CA PRO A 150 17.79 -3.16 -15.95
C PRO A 150 17.92 -2.52 -17.32
N ARG A 151 18.35 -3.30 -18.32
CA ARG A 151 18.70 -2.75 -19.61
C ARG A 151 18.88 -3.84 -20.66
N MET A 152 19.05 -3.41 -21.90
CA MET A 152 19.45 -4.31 -22.96
C MET A 152 20.96 -4.13 -23.17
N ALA A 153 21.73 -5.14 -22.77
CA ALA A 153 23.18 -5.11 -22.93
C ALA A 153 23.54 -5.09 -24.41
N GLY A 154 24.50 -4.25 -24.78
CA GLY A 154 24.91 -4.11 -26.18
C GLY A 154 24.09 -3.12 -26.97
N SER A 155 22.94 -2.71 -26.44
CA SER A 155 22.08 -1.77 -27.16
C SER A 155 22.75 -0.40 -27.21
N ALA A 156 22.42 0.36 -28.25
CA ALA A 156 23.05 1.66 -28.47
C ALA A 156 22.90 2.56 -27.25
N LYS A 157 21.70 2.57 -26.66
CA LYS A 157 21.41 3.43 -25.51
C LYS A 157 21.42 2.65 -24.18
N GLU A 158 22.22 1.60 -24.10
CA GLU A 158 22.33 0.78 -22.89
C GLU A 158 22.66 1.64 -21.66
N TRP A 159 23.65 2.50 -21.81
CA TRP A 159 24.16 3.29 -20.70
C TRP A 159 23.70 4.74 -20.74
N SER A 160 22.64 5.04 -21.48
CA SER A 160 22.10 6.40 -21.49
C SER A 160 20.57 6.38 -21.51
N GLY A 161 19.99 5.47 -20.75
CA GLY A 161 18.56 5.48 -20.46
C GLY A 161 17.64 4.73 -21.39
N GLY A 162 18.19 3.98 -22.35
CA GLY A 162 17.36 3.15 -23.25
C GLY A 162 16.40 3.92 -24.13
N THR A 163 15.45 3.21 -24.73
CA THR A 163 14.45 3.85 -25.60
C THR A 163 13.13 4.05 -24.86
N PRO A 164 12.27 4.95 -25.37
CA PRO A 164 10.93 5.17 -24.85
C PRO A 164 10.11 3.90 -24.60
N ALA A 165 10.17 2.96 -25.52
CA ALA A 165 9.44 1.70 -25.37
C ALA A 165 10.01 0.88 -24.21
N GLU A 166 11.33 0.91 -24.07
CA GLU A 166 12.00 0.23 -22.95
C GLU A 166 11.61 0.85 -21.62
N ARG A 167 11.60 2.18 -21.55
CA ARG A 167 11.25 2.86 -20.31
C ARG A 167 9.83 2.54 -19.83
N LYS A 168 8.91 2.33 -20.77
CA LYS A 168 7.57 1.86 -20.44
C LYS A 168 7.61 0.43 -19.89
N LEU A 169 8.46 -0.40 -20.49
CA LEU A 169 8.68 -1.76 -19.98
C LEU A 169 9.15 -1.71 -18.53
N ILE A 170 10.12 -0.83 -18.26
CA ILE A 170 10.68 -0.66 -16.90
C ILE A 170 9.57 -0.33 -15.91
N ASN A 171 8.70 0.62 -16.27
CA ASN A 171 7.55 0.98 -15.45
C ASN A 171 6.67 -0.24 -15.13
N ALA A 172 6.46 -1.09 -16.12
CA ALA A 172 5.68 -2.32 -15.93
C ALA A 172 6.41 -3.30 -15.02
N MET A 173 7.72 -3.42 -15.19
CA MET A 173 8.52 -4.34 -14.36
C MET A 173 8.58 -3.84 -12.91
N ASN A 174 8.78 -2.55 -12.73
CA ASN A 174 8.68 -1.93 -11.40
C ASN A 174 7.34 -2.28 -10.73
N LYS A 175 6.26 -2.10 -11.46
CA LYS A 175 4.93 -2.39 -10.93
C LYS A 175 4.79 -3.88 -10.56
N ALA A 176 5.35 -4.76 -11.38
CA ALA A 176 5.31 -6.20 -11.14
C ALA A 176 6.09 -6.60 -9.87
N PHE A 177 7.21 -5.92 -9.64
CA PHE A 177 8.04 -6.10 -8.46
C PHE A 177 7.25 -5.79 -7.20
N ILE A 178 6.70 -4.58 -7.15
CA ILE A 178 5.91 -4.11 -6.04
C ILE A 178 4.75 -5.05 -5.78
N ASP A 179 4.01 -5.35 -6.84
CA ASP A 179 2.82 -6.18 -6.73
C ASP A 179 3.14 -7.51 -6.07
N ALA A 180 4.19 -8.18 -6.55
CA ALA A 180 4.55 -9.51 -6.06
C ALA A 180 4.92 -9.49 -4.58
N VAL A 181 5.64 -8.46 -4.16
CA VAL A 181 6.07 -8.35 -2.77
C VAL A 181 4.91 -8.05 -1.84
N ARG A 182 4.07 -7.09 -2.22
CA ARG A 182 2.92 -6.73 -1.40
C ARG A 182 1.97 -7.91 -1.21
N ALA A 183 1.81 -8.71 -2.26
CA ALA A 183 0.92 -9.87 -2.20
C ALA A 183 1.35 -10.94 -1.19
N THR A 184 2.61 -10.94 -0.76
CA THR A 184 3.09 -11.89 0.25
C THR A 184 2.69 -11.51 1.67
N GLY A 185 2.33 -10.25 1.89
CA GLY A 185 1.86 -9.78 3.20
C GLY A 185 2.97 -9.69 4.23
N GLY A 186 2.60 -9.81 5.50
CA GLY A 186 3.54 -9.69 6.61
C GLY A 186 4.14 -8.29 6.67
N ASN A 187 5.42 -8.23 7.00
CA ASN A 187 6.13 -6.94 7.03
C ASN A 187 6.42 -6.41 5.63
N ASN A 188 6.26 -7.26 4.61
CA ASN A 188 6.39 -6.83 3.22
C ASN A 188 5.29 -5.86 2.76
N ALA A 189 4.21 -5.72 3.52
CA ALA A 189 3.08 -4.87 3.13
C ALA A 189 3.45 -3.39 3.10
N ASP A 190 4.27 -2.97 4.06
CA ASP A 190 4.76 -1.59 4.12
C ASP A 190 6.30 -1.48 4.06
N ARG A 191 6.99 -2.58 3.75
CA ARG A 191 8.44 -2.55 3.54
C ARG A 191 8.81 -1.55 2.46
N VAL A 192 9.90 -0.82 2.67
CA VAL A 192 10.40 0.09 1.65
C VAL A 192 10.84 -0.72 0.44
N LEU A 193 10.23 -0.41 -0.71
CA LEU A 193 10.54 -1.07 -1.97
C LEU A 193 11.20 -0.04 -2.88
N ILE A 194 12.41 -0.36 -3.32
CA ILE A 194 13.23 0.57 -4.05
C ILE A 194 13.17 0.23 -5.54
N ILE A 195 12.53 1.09 -6.33
CA ILE A 195 12.45 0.89 -7.77
C ILE A 195 13.59 1.66 -8.45
N CYS A 196 13.72 1.51 -9.76
CA CYS A 196 14.78 2.18 -10.51
C CYS A 196 14.31 2.61 -11.88
N THR A 197 15.14 3.42 -12.52
CA THR A 197 14.98 3.79 -13.92
C THR A 197 15.72 2.78 -14.80
N TYR A 198 15.54 2.89 -16.12
CA TYR A 198 16.31 2.10 -17.07
C TYR A 198 17.79 2.28 -16.74
N GLY A 199 18.50 1.16 -16.56
CA GLY A 199 19.94 1.23 -16.27
C GLY A 199 20.36 2.02 -15.05
N HIS A 200 19.39 2.39 -14.20
CA HIS A 200 19.63 3.32 -13.09
C HIS A 200 20.11 4.71 -13.57
N ASN A 201 19.83 5.04 -14.82
CA ASN A 201 20.26 6.31 -15.42
C ASN A 201 19.44 7.47 -14.87
N SER A 202 20.07 8.64 -14.73
CA SER A 202 19.38 9.79 -14.15
C SER A 202 19.35 11.01 -15.08
N ASP A 203 19.29 10.77 -16.39
CA ASP A 203 19.13 11.87 -17.35
C ASP A 203 17.67 12.25 -17.40
N GLU A 204 17.41 13.51 -17.76
CA GLU A 204 16.05 14.07 -17.74
C GLU A 204 15.03 13.21 -18.50
N PRO A 205 15.38 12.74 -19.72
CA PRO A 205 14.42 11.92 -20.48
C PRO A 205 14.14 10.57 -19.83
N THR A 206 15.13 10.03 -19.11
CA THR A 206 14.94 8.80 -18.36
C THR A 206 14.02 9.03 -17.16
N LEU A 207 14.22 10.15 -16.47
CA LEU A 207 13.41 10.51 -15.31
C LEU A 207 12.00 10.93 -15.70
N LYS A 208 11.89 11.76 -16.72
CA LYS A 208 10.59 12.21 -17.21
C LYS A 208 9.63 11.04 -17.44
N ASP A 209 10.14 9.97 -18.05
CA ASP A 209 9.32 8.82 -18.41
C ASP A 209 9.04 7.87 -17.24
N LEU A 210 9.59 8.16 -16.06
CA LEU A 210 9.44 7.28 -14.91
C LEU A 210 8.04 7.42 -14.28
N GLU A 211 7.29 6.32 -14.31
CA GLU A 211 5.99 6.24 -13.68
C GLU A 211 6.20 6.05 -12.18
N ILE A 212 5.63 6.95 -11.39
CA ILE A 212 5.76 6.92 -9.93
C ILE A 212 4.56 6.17 -9.34
N PRO A 213 4.80 4.99 -8.72
CA PRO A 213 3.68 4.23 -8.17
C PRO A 213 2.96 4.97 -7.04
N SER A 214 1.68 4.69 -6.90
CA SER A 214 0.86 5.32 -5.86
C SER A 214 1.21 4.75 -4.49
N ASP A 215 1.74 3.53 -4.46
CA ASP A 215 2.18 2.92 -3.21
C ASP A 215 3.11 3.90 -2.50
N PRO A 216 2.76 4.28 -1.27
CA PRO A 216 3.47 5.35 -0.58
C PRO A 216 4.76 4.92 0.10
N ASN A 217 5.04 3.61 0.11
CA ASN A 217 6.23 3.07 0.78
C ASN A 217 7.29 2.62 -0.21
N ILE A 218 7.67 3.54 -1.09
CA ILE A 218 8.68 3.27 -2.11
C ILE A 218 9.74 4.38 -2.18
N ALA A 219 10.86 4.05 -2.81
CA ALA A 219 11.89 5.03 -3.11
C ALA A 219 12.40 4.75 -4.51
N VAL A 220 13.00 5.76 -5.12
CA VAL A 220 13.57 5.62 -6.45
C VAL A 220 15.07 5.52 -6.33
N ALA A 221 15.66 4.52 -6.98
CA ALA A 221 17.11 4.33 -6.95
C ALA A 221 17.74 4.81 -8.24
N LEU A 222 18.92 5.40 -8.12
CA LEU A 222 19.72 5.83 -9.25
C LEU A 222 21.18 5.51 -8.99
N HIS A 223 21.95 5.31 -10.06
CA HIS A 223 23.40 5.16 -9.95
C HIS A 223 24.06 6.34 -10.63
N THR A 224 24.95 6.99 -9.89
CA THR A 224 25.61 8.19 -10.36
C THR A 224 27.07 8.13 -9.97
N TYR A 225 27.89 7.65 -10.88
CA TYR A 225 29.33 7.69 -10.70
C TYR A 225 29.82 8.96 -11.38
N THR A 226 29.26 10.09 -10.97
CA THR A 226 29.37 11.35 -11.70
C THR A 226 30.50 12.20 -11.13
N PRO A 227 31.42 12.69 -12.00
CA PRO A 227 31.47 12.47 -13.45
C PRO A 227 32.19 11.17 -13.83
N TYR A 228 31.66 10.50 -14.85
CA TYR A 228 32.19 9.23 -15.30
C TYR A 228 33.71 9.22 -15.48
N PHE A 229 34.23 10.28 -16.12
CA PHE A 229 35.66 10.36 -16.46
C PHE A 229 36.59 10.59 -15.27
N PHE A 230 36.05 11.02 -14.13
CA PHE A 230 36.82 11.03 -12.89
C PHE A 230 36.78 9.66 -12.21
N THR A 231 35.59 9.05 -12.20
CA THR A 231 35.34 7.84 -11.41
C THR A 231 35.82 6.55 -12.08
N TYR A 232 35.71 6.49 -13.40
CA TYR A 232 36.16 5.32 -14.18
C TYR A 232 37.44 5.62 -14.96
N VAL A 233 38.08 4.54 -15.41
CA VAL A 233 39.24 4.61 -16.27
C VAL A 233 38.81 4.37 -17.72
N ALA A 234 39.23 5.26 -18.62
CA ALA A 234 38.80 5.23 -20.03
C ALA A 234 39.58 6.29 -20.83
N ASP A 235 39.47 6.24 -22.15
CA ASP A 235 40.05 7.28 -22.99
C ASP A 235 39.32 8.59 -22.75
N GLY A 236 40.03 9.56 -22.16
CA GLY A 236 39.44 10.84 -21.77
C GLY A 236 39.23 10.97 -20.27
N SER A 237 39.60 9.93 -19.52
CA SER A 237 39.41 9.93 -18.06
C SER A 237 40.52 10.71 -17.37
N TYR A 238 40.20 11.32 -16.24
CA TYR A 238 41.15 12.12 -15.49
C TYR A 238 41.09 11.76 -14.01
N SER A 239 42.16 12.07 -13.29
CA SER A 239 42.29 11.75 -11.86
C SER A 239 42.40 12.98 -10.96
N VAL A 240 42.40 14.16 -11.58
CA VAL A 240 42.51 15.42 -10.85
C VAL A 240 41.11 15.96 -10.57
N TRP A 241 40.86 16.35 -9.32
CA TRP A 241 39.62 17.02 -8.97
C TRP A 241 39.93 18.37 -8.34
N ASN A 242 39.79 19.43 -9.13
CA ASN A 242 40.02 20.79 -8.64
C ASN A 242 38.71 21.49 -8.27
N GLY A 243 37.58 20.91 -8.69
CA GLY A 243 36.26 21.49 -8.45
C GLY A 243 35.62 22.04 -9.70
N SER A 244 36.39 22.18 -10.78
CA SER A 244 35.85 22.72 -12.04
C SER A 244 34.65 21.91 -12.53
N LYS A 245 34.72 20.59 -12.38
CA LYS A 245 33.67 19.70 -12.88
C LYS A 245 32.51 19.52 -11.90
N LYS A 246 32.56 20.16 -10.73
CA LYS A 246 31.44 20.14 -9.79
C LYS A 246 30.10 20.39 -10.50
N ASN A 247 30.12 21.23 -11.54
CA ASN A 247 28.93 21.55 -12.30
C ASN A 247 28.21 20.31 -12.85
N ASP A 248 28.96 19.30 -13.29
CA ASP A 248 28.38 18.06 -13.82
C ASP A 248 27.55 17.33 -12.78
N ILE A 249 27.95 17.44 -11.51
CA ILE A 249 27.20 16.86 -10.41
C ILE A 249 25.97 17.71 -10.14
N THR A 250 26.20 19.02 -10.03
CA THR A 250 25.14 20.00 -9.74
C THR A 250 24.01 19.90 -10.75
N TRP A 251 24.41 19.88 -12.02
CA TRP A 251 23.48 19.81 -13.14
C TRP A 251 22.56 18.60 -12.99
N GLN A 252 23.17 17.45 -12.73
CA GLN A 252 22.46 16.18 -12.61
C GLN A 252 21.53 16.15 -11.39
N TYR A 253 22.00 16.67 -10.27
CA TYR A 253 21.21 16.71 -9.02
C TYR A 253 19.92 17.51 -9.19
N ASN A 254 19.99 18.60 -9.95
CA ASN A 254 18.82 19.45 -10.17
C ASN A 254 17.71 18.72 -10.90
N ASN A 255 18.07 17.86 -11.85
CA ASN A 255 17.09 17.00 -12.52
C ASN A 255 16.43 16.07 -11.50
N ILE A 256 17.24 15.49 -10.63
CA ILE A 256 16.74 14.58 -9.61
C ILE A 256 15.80 15.34 -8.68
N LYS A 257 16.17 16.56 -8.29
CA LYS A 257 15.27 17.44 -7.54
C LYS A 257 14.00 17.74 -8.32
N LYS A 258 14.17 18.22 -9.55
CA LYS A 258 13.06 18.57 -10.43
C LYS A 258 12.00 17.47 -10.48
N TYR A 259 12.45 16.24 -10.70
CA TYR A 259 11.54 15.12 -10.99
C TYR A 259 11.16 14.25 -9.80
N LEU A 260 11.91 14.30 -8.71
CA LEU A 260 11.68 13.40 -7.58
C LEU A 260 11.58 14.11 -6.22
N ILE A 261 12.67 14.74 -5.80
CA ILE A 261 12.73 15.29 -4.45
C ILE A 261 11.66 16.36 -4.27
N ASP A 262 11.60 17.31 -5.19
CA ASP A 262 10.63 18.42 -5.10
C ASP A 262 9.18 17.99 -5.35
N LYS A 263 8.96 16.74 -5.70
CA LYS A 263 7.63 16.15 -5.70
C LYS A 263 7.38 15.31 -4.43
N GLY A 264 8.38 15.24 -3.55
CA GLY A 264 8.25 14.47 -2.31
C GLY A 264 8.45 12.98 -2.51
N ILE A 265 9.27 12.62 -3.49
CA ILE A 265 9.54 11.21 -3.80
C ILE A 265 10.91 10.84 -3.26
N PRO A 266 10.95 9.84 -2.36
CA PRO A 266 12.24 9.45 -1.81
C PRO A 266 13.19 8.94 -2.87
N VAL A 267 14.46 9.36 -2.78
CA VAL A 267 15.50 8.98 -3.72
C VAL A 267 16.69 8.43 -2.97
N VAL A 268 17.30 7.38 -3.52
CA VAL A 268 18.48 6.77 -2.96
C VAL A 268 19.50 6.51 -4.06
N ILE A 269 20.74 6.91 -3.84
CA ILE A 269 21.83 6.55 -4.73
C ILE A 269 22.39 5.22 -4.27
N THR A 270 21.89 4.13 -4.86
CA THR A 270 22.27 2.79 -4.38
C THR A 270 23.66 2.36 -4.87
N GLU A 271 24.23 3.09 -5.82
CA GLU A 271 25.65 2.94 -6.18
C GLU A 271 26.30 4.26 -6.58
N THR A 272 27.50 4.48 -6.07
CA THR A 272 28.38 5.56 -6.50
C THR A 272 29.79 5.25 -6.00
N GLY A 273 30.76 6.07 -6.39
CA GLY A 273 32.18 5.86 -6.00
C GLY A 273 33.18 6.31 -7.05
N ALA A 274 34.47 6.25 -6.70
CA ALA A 274 35.55 6.61 -7.63
C ALA A 274 36.66 5.58 -7.55
N GLN A 275 37.09 5.09 -8.71
CA GLN A 275 38.19 4.13 -8.77
C GLN A 275 39.48 4.79 -8.29
N PHE A 276 40.29 4.05 -7.55
CA PHE A 276 41.54 4.59 -7.03
C PHE A 276 42.56 4.76 -8.16
N LYS A 277 43.05 5.99 -8.30
CA LYS A 277 44.03 6.35 -9.31
C LYS A 277 45.18 7.09 -8.64
N GLU A 278 45.67 6.53 -7.54
CA GLU A 278 46.79 7.13 -6.81
C GLU A 278 46.50 8.62 -6.53
N ASN A 279 45.26 8.92 -6.16
CA ASN A 279 44.77 10.30 -6.09
C ASN A 279 43.87 10.54 -4.87
N THR A 280 44.36 10.09 -3.71
CA THR A 280 43.63 10.21 -2.46
C THR A 280 43.03 11.60 -2.26
N GLU A 281 43.89 12.60 -2.35
CA GLU A 281 43.50 13.99 -2.10
C GLU A 281 42.37 14.48 -3.01
N ASP A 282 42.38 14.01 -4.25
CA ASP A 282 41.35 14.41 -5.23
C ASP A 282 40.01 13.73 -4.95
N ILE A 283 40.04 12.45 -4.63
CA ILE A 283 38.84 11.69 -4.31
C ILE A 283 38.18 12.26 -3.05
N VAL A 284 38.99 12.60 -2.04
CA VAL A 284 38.47 13.27 -0.85
C VAL A 284 37.71 14.54 -1.24
N ARG A 285 38.28 15.34 -2.14
CA ARG A 285 37.62 16.59 -2.57
C ARG A 285 36.35 16.29 -3.37
N TRP A 286 36.39 15.28 -4.23
CA TRP A 286 35.23 14.84 -4.99
C TRP A 286 34.10 14.38 -4.06
N ILE A 287 34.45 13.58 -3.06
CA ILE A 287 33.49 13.16 -2.04
C ILE A 287 32.81 14.36 -1.37
N GLY A 288 33.59 15.41 -1.08
CA GLY A 288 33.06 16.64 -0.50
C GLY A 288 32.02 17.31 -1.39
N ASP A 289 32.32 17.40 -2.67
CA ASP A 289 31.39 18.01 -3.63
C ASP A 289 30.20 17.11 -3.92
N TYR A 290 30.47 15.82 -4.10
CA TYR A 290 29.44 14.89 -4.53
C TYR A 290 28.44 14.57 -3.42
N VAL A 291 28.94 14.06 -2.30
CA VAL A 291 28.08 13.68 -1.19
C VAL A 291 27.45 14.92 -0.54
N GLY A 292 28.23 15.99 -0.44
CA GLY A 292 27.73 17.27 0.05
C GLY A 292 26.58 17.83 -0.78
N THR A 293 26.54 17.47 -2.06
CA THR A 293 25.42 17.82 -2.90
C THR A 293 24.18 17.04 -2.45
N LEU A 294 24.35 15.74 -2.20
CA LEU A 294 23.26 14.87 -1.77
C LEU A 294 22.75 15.25 -0.37
N ASP A 295 23.67 15.74 0.47
CA ASP A 295 23.33 16.12 1.83
C ASP A 295 22.44 17.37 1.88
N GLN A 296 22.47 18.18 0.82
CA GLN A 296 21.59 19.35 0.73
C GLN A 296 20.12 19.02 1.01
N ASP A 297 19.67 17.84 0.57
CA ASP A 297 18.29 17.41 0.82
C ASP A 297 18.21 16.07 1.54
N GLY A 298 19.28 15.70 2.23
CA GLY A 298 19.29 14.50 3.05
C GLY A 298 19.24 13.20 2.29
N VAL A 299 19.65 13.22 1.02
CA VAL A 299 19.67 12.02 0.20
C VAL A 299 20.90 11.16 0.54
N LYS A 300 20.67 9.87 0.74
CA LYS A 300 21.72 8.93 1.11
C LYS A 300 22.27 8.20 -0.10
N CYS A 301 23.51 7.76 0.01
CA CYS A 301 24.15 6.99 -1.04
C CYS A 301 24.82 5.74 -0.49
N PHE A 302 25.00 4.76 -1.35
CA PHE A 302 25.70 3.51 -1.03
C PHE A 302 26.93 3.41 -1.92
N ILE A 303 28.11 3.27 -1.31
CA ILE A 303 29.35 3.26 -2.08
C ILE A 303 29.63 1.86 -2.60
N TRP A 304 30.03 1.76 -3.87
CA TRP A 304 30.36 0.46 -4.47
C TRP A 304 31.74 0.01 -4.02
N ASP A 305 31.81 -1.18 -3.44
CA ASP A 305 33.08 -1.74 -2.95
C ASP A 305 33.23 -3.17 -3.39
N ASN A 306 34.13 -3.40 -4.35
CA ASN A 306 34.37 -4.73 -4.92
C ASN A 306 35.64 -5.39 -4.39
N ASN A 307 36.28 -4.76 -3.40
CA ASN A 307 37.51 -5.29 -2.79
C ASN A 307 38.66 -5.40 -3.78
N ILE A 308 38.76 -4.45 -4.71
CA ILE A 308 39.85 -4.39 -5.68
C ILE A 308 40.57 -3.06 -5.50
N TYR A 309 41.84 -3.12 -5.09
CA TYR A 309 42.60 -1.91 -4.79
C TYR A 309 44.04 -2.00 -5.31
N HIS A 310 44.73 -3.08 -4.99
CA HIS A 310 46.10 -3.30 -5.44
C HIS A 310 46.13 -3.95 -6.81
N GLY A 311 45.49 -5.10 -6.92
CA GLY A 311 45.47 -5.86 -8.17
C GLY A 311 44.79 -5.17 -9.33
N ASN A 312 44.78 -5.86 -10.46
CA ASN A 312 44.12 -5.38 -11.68
C ASN A 312 42.59 -5.39 -11.56
N GLY A 313 41.95 -4.48 -12.30
CA GLY A 313 40.50 -4.34 -12.32
C GLY A 313 40.06 -2.93 -11.98
N GLU A 314 38.75 -2.73 -11.85
CA GLU A 314 38.20 -1.44 -11.46
C GLU A 314 38.41 -1.26 -9.96
N LYS A 315 39.24 -0.29 -9.59
CA LYS A 315 39.72 -0.16 -8.20
C LYS A 315 38.75 0.57 -7.28
N PHE A 316 37.56 0.00 -7.08
CA PHE A 316 36.56 0.54 -6.17
C PHE A 316 36.72 0.02 -4.73
N GLY A 317 37.73 -0.82 -4.50
CA GLY A 317 37.96 -1.42 -3.19
C GLY A 317 38.22 -0.38 -2.11
N LEU A 318 37.68 -0.63 -0.91
CA LEU A 318 37.88 0.23 0.26
C LEU A 318 38.24 -0.58 1.50
N LEU A 319 37.51 -1.67 1.74
CA LEU A 319 37.80 -2.56 2.87
C LEU A 319 38.59 -3.76 2.41
N ASN A 320 39.81 -3.93 2.93
CA ASN A 320 40.55 -5.17 2.69
C ASN A 320 39.92 -6.28 3.51
N ARG A 321 39.06 -7.06 2.86
CA ARG A 321 38.20 -8.00 3.55
C ARG A 321 38.96 -9.11 4.29
N SER A 322 40.08 -9.56 3.72
CA SER A 322 40.88 -10.62 4.35
C SER A 322 41.64 -10.14 5.59
N LEU A 323 42.02 -8.86 5.62
CA LEU A 323 42.75 -8.30 6.77
C LEU A 323 41.87 -7.49 7.72
N LEU A 324 40.60 -7.31 7.37
CA LEU A 324 39.68 -6.46 8.14
C LEU A 324 40.25 -5.06 8.39
N LYS A 325 41.00 -4.57 7.40
CA LYS A 325 41.61 -3.24 7.43
C LYS A 325 41.15 -2.49 6.19
N TRP A 326 41.09 -1.17 6.28
CA TRP A 326 40.71 -0.35 5.13
C TRP A 326 41.93 -0.02 4.27
N TYR A 327 41.78 -0.14 2.96
CA TYR A 327 42.87 0.16 2.03
C TYR A 327 43.34 1.60 2.10
N ASN A 328 42.40 2.52 2.28
CA ASN A 328 42.67 3.95 2.29
C ASN A 328 41.77 4.70 3.26
N ASP A 329 42.31 4.99 4.43
CA ASP A 329 41.55 5.60 5.52
C ASP A 329 41.15 7.05 5.27
N ASP A 330 41.91 7.79 4.48
CA ASP A 330 41.57 9.19 4.19
C ASP A 330 40.28 9.28 3.38
N ILE A 331 40.14 8.39 2.39
CA ILE A 331 38.96 8.32 1.55
C ILE A 331 37.76 7.88 2.37
N VAL A 332 37.94 6.80 3.13
CA VAL A 332 36.89 6.27 3.97
C VAL A 332 36.41 7.33 4.97
N ASP A 333 37.37 8.01 5.60
CA ASP A 333 37.05 9.06 6.58
C ASP A 333 36.09 10.10 5.98
N ALA A 334 36.40 10.53 4.75
CA ALA A 334 35.57 11.51 4.06
C ALA A 334 34.13 11.00 3.88
N TYR A 335 34.00 9.72 3.55
CA TYR A 335 32.67 9.10 3.39
C TYR A 335 31.91 9.07 4.72
N VAL A 336 32.46 8.38 5.70
CA VAL A 336 31.75 8.16 6.98
C VAL A 336 31.54 9.45 7.78
N ASN A 337 32.39 10.45 7.57
CA ASN A 337 32.24 11.76 8.24
C ASN A 337 31.59 12.84 7.36
N HIS A 338 30.97 12.42 6.26
CA HIS A 338 30.41 13.38 5.29
C HIS A 338 29.53 14.47 5.93
N ALA A 339 28.80 14.14 6.99
CA ALA A 339 28.06 15.12 7.78
C ALA A 339 28.95 15.67 8.89
N ASP B 1 -1.84 9.65 -5.67
CA ASP B 1 -2.88 9.33 -6.70
C ASP B 1 -3.76 8.15 -6.29
N ARG B 2 -5.04 8.44 -6.08
CA ARG B 2 -5.98 7.46 -5.57
C ARG B 2 -7.02 7.13 -6.64
N SER B 3 -6.63 7.30 -7.90
CA SER B 3 -7.56 7.18 -9.03
C SER B 3 -8.12 5.77 -9.22
N ARG B 4 -7.34 4.75 -8.86
CA ARG B 4 -7.81 3.36 -8.96
C ARG B 4 -9.11 3.13 -8.18
N VAL B 5 -9.21 3.75 -7.01
CA VAL B 5 -10.40 3.63 -6.17
C VAL B 5 -11.60 4.29 -6.85
N PHE B 6 -11.38 5.49 -7.36
CA PHE B 6 -12.41 6.21 -8.11
C PHE B 6 -12.94 5.39 -9.29
N ASP B 7 -12.04 4.70 -9.99
CA ASP B 7 -12.42 3.90 -11.16
C ASP B 7 -13.24 2.68 -10.76
N ILE B 8 -12.86 2.03 -9.67
CA ILE B 8 -13.63 0.93 -9.13
C ILE B 8 -15.02 1.42 -8.73
N LEU B 9 -15.07 2.51 -7.97
CA LEU B 9 -16.35 3.03 -7.48
C LEU B 9 -17.27 3.51 -8.60
N SER B 10 -16.69 4.11 -9.64
CA SER B 10 -17.47 4.64 -10.76
C SER B 10 -18.33 3.58 -11.45
N ASN B 11 -17.98 2.32 -11.29
CA ASN B 11 -18.80 1.22 -11.82
C ASN B 11 -20.13 0.99 -11.09
N ILE B 12 -20.28 1.55 -9.89
CA ILE B 12 -21.52 1.37 -9.14
C ILE B 12 -22.57 2.33 -9.65
N ASN B 13 -23.77 1.82 -9.89
CA ASN B 13 -24.92 2.67 -10.12
C ASN B 13 -25.36 3.26 -8.80
N ILE B 14 -25.79 2.38 -7.90
CA ILE B 14 -26.21 2.73 -6.55
C ILE B 14 -26.31 1.44 -5.74
N GLY B 15 -26.07 1.53 -4.43
CA GLY B 15 -25.96 0.37 -3.58
C GLY B 15 -27.16 0.09 -2.69
N TRP B 16 -27.13 -1.07 -2.05
CA TRP B 16 -28.25 -1.57 -1.25
C TRP B 16 -27.72 -2.37 -0.07
N ASN B 17 -28.19 -2.05 1.14
CA ASN B 17 -27.78 -2.75 2.37
C ASN B 17 -28.71 -3.91 2.70
N LEU B 18 -28.13 -5.08 2.93
CA LEU B 18 -28.86 -6.20 3.51
C LEU B 18 -29.04 -5.98 5.01
N GLY B 19 -29.94 -5.06 5.36
CA GLY B 19 -30.09 -4.60 6.74
C GLY B 19 -30.83 -5.56 7.66
N ASN B 20 -30.56 -5.45 8.95
CA ASN B 20 -31.22 -6.27 9.98
C ASN B 20 -31.17 -7.77 9.71
N THR B 21 -30.01 -8.24 9.27
CA THR B 21 -29.86 -9.62 8.83
C THR B 21 -28.62 -10.25 9.48
N LEU B 22 -27.46 -10.18 8.83
CA LEU B 22 -26.23 -10.71 9.44
C LEU B 22 -25.71 -9.80 10.55
N ASP B 23 -26.19 -8.56 10.55
CA ASP B 23 -25.94 -7.60 11.63
C ASP B 23 -26.74 -7.91 12.90
N ALA B 24 -27.83 -8.64 12.76
CA ALA B 24 -28.72 -8.96 13.89
C ALA B 24 -27.98 -9.74 14.99
N THR B 25 -28.35 -9.48 16.24
CA THR B 25 -27.56 -9.94 17.40
C THR B 25 -28.25 -11.01 18.27
N GLY B 26 -29.44 -11.47 17.89
CA GLY B 26 -30.08 -12.57 18.59
C GLY B 26 -29.44 -13.88 18.15
N GLY B 27 -29.90 -14.98 18.72
CA GLY B 27 -29.41 -16.31 18.34
C GLY B 27 -28.12 -16.79 18.98
N GLY B 28 -27.35 -15.87 19.56
CA GLY B 28 -26.10 -16.23 20.21
C GLY B 28 -25.05 -16.66 19.20
N ASN B 29 -24.23 -17.63 19.59
CA ASN B 29 -23.19 -18.17 18.71
C ASN B 29 -23.82 -19.22 17.80
N SER B 30 -24.53 -18.74 16.79
CA SER B 30 -25.28 -19.61 15.89
C SER B 30 -25.67 -18.87 14.62
N VAL B 31 -25.79 -19.61 13.52
CA VAL B 31 -26.23 -19.03 12.23
C VAL B 31 -27.66 -18.47 12.29
N ASN B 32 -28.43 -18.85 13.30
CA ASN B 32 -29.80 -18.34 13.48
C ASN B 32 -29.84 -16.85 13.80
N ALA B 33 -28.69 -16.28 14.14
CA ALA B 33 -28.57 -14.82 14.27
C ALA B 33 -29.12 -14.09 13.05
N GLU B 34 -28.94 -14.68 11.88
CA GLU B 34 -29.43 -14.09 10.64
C GLU B 34 -30.93 -13.81 10.64
N THR B 35 -31.70 -14.65 11.33
CA THR B 35 -33.17 -14.54 11.34
C THR B 35 -33.71 -14.01 12.67
N SER B 36 -32.82 -13.68 13.59
CA SER B 36 -33.20 -13.29 14.94
C SER B 36 -34.04 -12.01 15.00
N TRP B 37 -33.90 -11.14 14.00
CA TRP B 37 -34.69 -9.92 13.96
C TRP B 37 -35.84 -9.98 12.94
N GLY B 38 -36.30 -11.20 12.65
CA GLY B 38 -37.55 -11.41 11.88
C GLY B 38 -37.44 -11.43 10.37
N ASN B 39 -36.22 -11.37 9.84
CA ASN B 39 -36.03 -11.49 8.39
C ASN B 39 -35.79 -12.95 8.00
N PRO B 40 -36.12 -13.30 6.74
CA PRO B 40 -35.94 -14.67 6.29
C PRO B 40 -34.48 -14.93 5.92
N LYS B 41 -34.11 -16.19 5.83
CA LYS B 41 -32.74 -16.54 5.50
C LYS B 41 -32.40 -16.06 4.09
N THR B 42 -31.29 -15.33 3.99
CA THR B 42 -30.89 -14.74 2.71
C THR B 42 -30.67 -15.82 1.65
N THR B 43 -31.13 -15.54 0.43
CA THR B 43 -31.04 -16.47 -0.68
C THR B 43 -30.39 -15.81 -1.88
N GLN B 44 -29.87 -16.64 -2.78
CA GLN B 44 -29.34 -16.16 -4.07
C GLN B 44 -30.40 -15.34 -4.79
N GLU B 45 -31.64 -15.82 -4.76
CA GLU B 45 -32.75 -15.15 -5.44
C GLU B 45 -32.96 -13.72 -4.92
N ILE B 46 -32.84 -13.54 -3.61
CA ILE B 46 -32.98 -12.21 -3.01
C ILE B 46 -31.93 -11.26 -3.58
N VAL B 47 -30.68 -11.70 -3.59
CA VAL B 47 -29.58 -10.86 -4.10
C VAL B 47 -29.77 -10.59 -5.59
N ASP B 48 -30.20 -11.62 -6.33
CA ASP B 48 -30.49 -11.46 -7.77
C ASP B 48 -31.44 -10.29 -7.97
N THR B 49 -32.53 -10.30 -7.21
CA THR B 49 -33.58 -9.30 -7.31
C THR B 49 -33.03 -7.89 -7.10
N VAL B 50 -32.23 -7.75 -6.05
CA VAL B 50 -31.58 -6.46 -5.75
C VAL B 50 -30.76 -6.03 -6.96
N ASN B 51 -29.92 -6.94 -7.45
CA ASN B 51 -29.08 -6.68 -8.61
C ASN B 51 -29.90 -6.32 -9.85
N ASP B 52 -30.89 -7.15 -10.16
CA ASP B 52 -31.69 -6.98 -11.38
C ASP B 52 -32.43 -5.64 -11.45
N ARG B 53 -32.80 -5.12 -10.28
CA ARG B 53 -33.51 -3.84 -10.21
C ARG B 53 -32.60 -2.67 -10.53
N GLY B 54 -31.29 -2.86 -10.38
CA GLY B 54 -30.32 -1.79 -10.64
C GLY B 54 -29.37 -1.48 -9.49
N PHE B 55 -29.59 -2.10 -8.33
CA PHE B 55 -28.62 -2.00 -7.23
C PHE B 55 -27.50 -2.98 -7.51
N ASN B 56 -26.53 -2.56 -8.33
CA ASN B 56 -25.45 -3.45 -8.73
C ASN B 56 -24.33 -3.54 -7.69
N ALA B 57 -24.50 -2.81 -6.58
CA ALA B 57 -23.57 -2.87 -5.46
C ALA B 57 -24.36 -3.20 -4.19
N ILE B 58 -23.77 -4.02 -3.32
CA ILE B 58 -24.45 -4.45 -2.09
C ILE B 58 -23.55 -4.38 -0.85
N ARG B 59 -24.07 -3.76 0.20
CA ARG B 59 -23.42 -3.76 1.51
C ARG B 59 -24.01 -4.89 2.35
N ILE B 60 -23.14 -5.71 2.89
CA ILE B 60 -23.53 -6.80 3.75
C ILE B 60 -23.05 -6.49 5.15
N PRO B 61 -23.93 -5.91 6.00
CA PRO B 61 -23.54 -5.66 7.38
C PRO B 61 -23.53 -6.95 8.20
N VAL B 62 -22.49 -7.13 8.99
CA VAL B 62 -22.32 -8.35 9.78
C VAL B 62 -21.85 -8.00 11.19
N THR B 63 -22.55 -8.50 12.21
CA THR B 63 -22.09 -8.35 13.58
C THR B 63 -21.48 -9.67 14.00
N PHE B 64 -20.21 -9.60 14.41
CA PHE B 64 -19.38 -10.78 14.66
C PHE B 64 -19.30 -11.18 16.13
N ALA B 65 -19.39 -10.19 17.02
CA ALA B 65 -19.26 -10.35 18.48
C ALA B 65 -19.67 -11.71 19.03
N ASN B 66 -20.95 -12.02 18.96
CA ASN B 66 -21.48 -13.24 19.59
C ASN B 66 -20.95 -14.52 18.95
N HIS B 67 -20.33 -14.39 17.78
CA HIS B 67 -19.76 -15.53 17.08
C HIS B 67 -18.25 -15.65 17.27
N LEU B 68 -17.69 -14.86 18.19
CA LEU B 68 -16.24 -14.87 18.42
C LEU B 68 -15.89 -15.71 19.62
N GLY B 69 -14.77 -16.42 19.52
CA GLY B 69 -14.18 -17.10 20.66
C GLY B 69 -13.56 -16.09 21.61
N PRO B 70 -12.94 -16.58 22.70
CA PRO B 70 -12.38 -15.67 23.69
C PRO B 70 -11.15 -14.94 23.19
N ALA B 71 -10.89 -13.78 23.78
CA ALA B 71 -9.64 -13.06 23.57
C ALA B 71 -8.45 -13.94 23.97
N PRO B 72 -7.28 -13.72 23.35
CA PRO B 72 -6.94 -12.74 22.33
C PRO B 72 -7.13 -13.17 20.87
N GLU B 73 -7.39 -14.45 20.62
CA GLU B 73 -7.56 -14.94 19.25
C GLU B 73 -8.86 -14.42 18.64
N TYR B 74 -9.91 -14.34 19.44
CA TYR B 74 -11.23 -13.96 18.96
C TYR B 74 -11.61 -14.78 17.72
N THR B 75 -11.42 -16.09 17.80
CA THR B 75 -11.62 -16.95 16.65
C THR B 75 -13.09 -16.91 16.20
N ILE B 76 -13.31 -16.62 14.93
CA ILE B 76 -14.67 -16.58 14.38
C ILE B 76 -15.15 -18.02 14.26
N SER B 77 -16.33 -18.29 14.78
CA SER B 77 -16.93 -19.61 14.68
C SER B 77 -17.02 -19.99 13.20
N ALA B 78 -16.55 -21.18 12.86
CA ALA B 78 -16.46 -21.62 11.47
C ALA B 78 -17.81 -21.56 10.74
N ASP B 79 -18.86 -22.00 11.41
CA ASP B 79 -20.20 -21.99 10.81
C ASP B 79 -20.62 -20.57 10.40
N TRP B 80 -20.28 -19.58 11.23
CA TRP B 80 -20.63 -18.19 10.98
C TRP B 80 -19.81 -17.61 9.84
N LEU B 81 -18.52 -17.92 9.84
CA LEU B 81 -17.63 -17.47 8.76
C LEU B 81 -18.12 -18.03 7.42
N ALA B 82 -18.41 -19.32 7.39
CA ALA B 82 -18.88 -19.97 6.17
C ALA B 82 -20.19 -19.36 5.67
N ARG B 83 -21.10 -19.05 6.59
CA ARG B 83 -22.37 -18.44 6.19
C ARG B 83 -22.16 -17.04 5.63
N VAL B 84 -21.26 -16.27 6.22
CA VAL B 84 -20.95 -14.94 5.71
C VAL B 84 -20.38 -15.03 4.29
N LYS B 85 -19.51 -16.02 4.08
CA LYS B 85 -18.94 -16.30 2.76
C LYS B 85 -20.02 -16.67 1.74
N GLU B 86 -20.98 -17.49 2.16
CA GLU B 86 -22.12 -17.84 1.30
C GLU B 86 -22.84 -16.60 0.77
N VAL B 87 -23.11 -15.66 1.67
CA VAL B 87 -23.92 -14.49 1.32
C VAL B 87 -23.13 -13.55 0.41
N VAL B 88 -21.85 -13.36 0.75
CA VAL B 88 -20.94 -12.61 -0.11
C VAL B 88 -20.87 -13.27 -1.48
N ASP B 89 -20.86 -14.60 -1.49
CA ASP B 89 -20.78 -15.34 -2.74
C ASP B 89 -22.01 -15.16 -3.62
N TYR B 90 -23.19 -14.96 -3.03
CA TYR B 90 -24.38 -14.63 -3.82
C TYR B 90 -24.13 -13.42 -4.70
N ALA B 91 -23.53 -12.39 -4.13
CA ALA B 91 -23.23 -11.17 -4.86
C ALA B 91 -22.13 -11.41 -5.90
N VAL B 92 -21.12 -12.20 -5.52
CA VAL B 92 -19.99 -12.47 -6.42
C VAL B 92 -20.48 -13.21 -7.65
N ASN B 93 -21.39 -14.16 -7.44
CA ASN B 93 -22.02 -14.90 -8.53
C ASN B 93 -22.73 -14.00 -9.52
N ASP B 94 -23.23 -12.85 -9.04
CA ASP B 94 -23.87 -11.87 -9.91
C ASP B 94 -22.92 -10.75 -10.37
N GLY B 95 -21.63 -10.87 -10.03
CA GLY B 95 -20.64 -9.87 -10.44
C GLY B 95 -20.90 -8.51 -9.83
N MET B 96 -21.43 -8.49 -8.61
CA MET B 96 -21.78 -7.24 -7.95
C MET B 96 -20.59 -6.65 -7.21
N TYR B 97 -20.67 -5.34 -6.98
CA TYR B 97 -19.76 -4.65 -6.10
C TYR B 97 -20.24 -4.87 -4.66
N ILE B 98 -19.29 -5.13 -3.76
CA ILE B 98 -19.62 -5.61 -2.41
C ILE B 98 -18.85 -4.86 -1.32
N ILE B 99 -19.57 -4.51 -0.26
CA ILE B 99 -18.94 -4.07 0.98
C ILE B 99 -19.28 -5.08 2.07
N LEU B 100 -18.25 -5.64 2.70
CA LEU B 100 -18.43 -6.38 3.94
C LEU B 100 -17.92 -5.54 5.09
N ASP B 101 -18.70 -5.43 6.16
CA ASP B 101 -18.27 -4.72 7.34
C ASP B 101 -18.30 -5.59 8.58
N THR B 102 -17.90 -4.98 9.70
CA THR B 102 -18.28 -5.42 11.03
C THR B 102 -19.33 -4.41 11.45
N HIS B 103 -20.35 -4.83 12.20
CA HIS B 103 -21.50 -3.96 12.38
C HIS B 103 -21.79 -3.59 13.83
N HIS B 104 -22.73 -4.25 14.51
CA HIS B 104 -23.11 -3.83 15.86
C HIS B 104 -22.13 -4.33 16.92
N GLU B 105 -20.84 -4.33 16.60
CA GLU B 105 -19.78 -4.63 17.56
C GLU B 105 -19.78 -3.57 18.68
N THR B 106 -20.30 -2.39 18.33
CA THR B 106 -20.58 -1.30 19.26
C THR B 106 -21.46 -1.68 20.46
N ASN B 107 -22.33 -2.68 20.29
CA ASN B 107 -23.11 -3.22 21.41
C ASN B 107 -22.27 -4.04 22.37
N TYR B 108 -21.08 -4.45 21.94
CA TYR B 108 -20.27 -5.39 22.71
C TYR B 108 -18.91 -4.81 23.09
N TRP B 109 -17.88 -5.11 22.31
CA TRP B 109 -16.51 -4.74 22.66
C TRP B 109 -16.10 -3.38 22.11
N LEU B 110 -16.79 -2.93 21.05
CA LEU B 110 -16.38 -1.71 20.38
C LEU B 110 -16.95 -0.47 21.07
N LYS B 111 -16.36 -0.14 22.21
CA LYS B 111 -16.71 1.05 22.99
C LYS B 111 -15.53 2.03 22.93
N THR B 112 -15.77 3.22 22.36
CA THR B 112 -14.68 4.15 22.09
C THR B 112 -14.14 4.84 23.34
N ASP B 113 -13.41 4.08 24.16
CA ASP B 113 -12.72 4.59 25.33
C ASP B 113 -11.23 4.75 24.98
N PRO B 114 -10.75 6.00 24.81
CA PRO B 114 -9.35 6.26 24.48
C PRO B 114 -8.35 5.52 25.36
N ASN B 115 -8.70 5.31 26.63
CA ASN B 115 -7.86 4.57 27.57
C ASN B 115 -7.62 3.12 27.16
N ASN B 116 -8.53 2.58 26.34
CA ASN B 116 -8.47 1.17 25.99
C ASN B 116 -8.06 0.95 24.52
N GLU B 117 -7.34 1.91 23.96
CA GLU B 117 -6.91 1.86 22.56
C GLU B 117 -6.38 0.50 22.12
N ALA B 118 -5.38 0.00 22.83
CA ALA B 118 -4.71 -1.23 22.43
C ALA B 118 -5.67 -2.40 22.28
N ALA B 119 -6.48 -2.66 23.31
CA ALA B 119 -7.39 -3.81 23.31
C ALA B 119 -8.38 -3.73 22.14
N LEU B 120 -8.92 -2.55 21.92
CA LEU B 120 -9.83 -2.31 20.80
C LEU B 120 -9.12 -2.56 19.47
N CYS B 121 -8.00 -1.88 19.26
CA CYS B 121 -7.20 -2.07 18.06
C CYS B 121 -6.85 -3.55 17.84
N GLU B 122 -6.43 -4.23 18.89
CA GLU B 122 -6.04 -5.64 18.79
C GLU B 122 -7.20 -6.55 18.40
N GLU B 123 -8.38 -6.30 18.95
CA GLU B 123 -9.54 -7.12 18.62
C GLU B 123 -9.98 -6.89 17.17
N LEU B 124 -10.06 -5.63 16.77
CA LEU B 124 -10.45 -5.29 15.40
C LEU B 124 -9.50 -5.99 14.41
N ALA B 125 -8.20 -5.86 14.67
CA ALA B 125 -7.18 -6.52 13.87
C ALA B 125 -7.38 -8.03 13.79
N ALA B 126 -7.62 -8.66 14.93
CA ALA B 126 -7.74 -10.11 14.99
C ALA B 126 -8.94 -10.61 14.20
N ILE B 127 -10.01 -9.80 14.15
CA ILE B 127 -11.20 -10.11 13.38
C ILE B 127 -10.94 -9.94 11.89
N TRP B 128 -10.30 -8.83 11.52
CA TRP B 128 -10.05 -8.54 10.11
C TRP B 128 -8.95 -9.38 9.52
N LYS B 129 -8.01 -9.81 10.35
CA LYS B 129 -7.00 -10.78 9.92
C LYS B 129 -7.71 -12.02 9.37
N GLN B 130 -8.64 -12.56 10.17
CA GLN B 130 -9.37 -13.78 9.80
C GLN B 130 -10.27 -13.60 8.57
N LEU B 131 -10.93 -12.45 8.48
CA LEU B 131 -11.79 -12.17 7.33
C LEU B 131 -10.96 -11.96 6.07
N ALA B 132 -9.89 -11.18 6.18
CA ALA B 132 -9.00 -10.97 5.04
C ALA B 132 -8.43 -12.29 4.52
N GLU B 133 -8.04 -13.18 5.42
CA GLU B 133 -7.57 -14.50 5.01
C GLU B 133 -8.68 -15.30 4.32
N ALA B 134 -9.89 -15.27 4.89
CA ALA B 134 -11.01 -15.99 4.31
C ALA B 134 -11.37 -15.50 2.91
N PHE B 135 -11.14 -14.22 2.65
CA PHE B 135 -11.49 -13.61 1.36
C PHE B 135 -10.27 -13.18 0.55
N LYS B 136 -9.13 -13.83 0.82
CA LYS B 136 -7.86 -13.48 0.17
C LYS B 136 -7.97 -13.49 -1.36
N ASP B 137 -8.63 -14.52 -1.89
CA ASP B 137 -8.71 -14.75 -3.33
C ASP B 137 -9.77 -13.92 -4.05
N TYR B 138 -10.60 -13.18 -3.30
CA TYR B 138 -11.72 -12.45 -3.88
C TYR B 138 -11.21 -11.21 -4.61
N ASP B 139 -11.87 -10.88 -5.72
CA ASP B 139 -11.37 -9.84 -6.63
C ASP B 139 -11.63 -8.40 -6.12
N GLU B 140 -11.33 -7.41 -6.96
CA GLU B 140 -11.37 -6.00 -6.55
C GLU B 140 -12.78 -5.45 -6.30
N LYS B 141 -13.79 -6.19 -6.73
CA LYS B 141 -15.18 -5.76 -6.52
C LYS B 141 -15.62 -5.92 -5.07
N LEU B 142 -14.91 -6.76 -4.31
CA LEU B 142 -15.16 -6.91 -2.89
C LEU B 142 -14.33 -5.92 -2.10
N MET B 143 -15.02 -5.07 -1.34
CA MET B 143 -14.38 -4.04 -0.53
C MET B 143 -14.64 -4.35 0.94
N PHE B 144 -13.73 -3.92 1.81
CA PHE B 144 -13.93 -4.06 3.25
C PHE B 144 -14.23 -2.72 3.89
N GLU B 145 -15.22 -2.68 4.78
CA GLU B 145 -15.49 -1.52 5.61
C GLU B 145 -15.24 -1.92 7.07
N GLY B 146 -14.20 -1.36 7.65
CA GLY B 146 -13.66 -1.84 8.93
C GLY B 146 -14.62 -1.83 10.12
N MET B 147 -15.30 -0.71 10.31
CA MET B 147 -16.18 -0.53 11.45
C MET B 147 -17.49 0.09 11.00
N ASN B 148 -18.58 -0.18 11.73
CA ASN B 148 -19.83 0.55 11.53
C ASN B 148 -20.21 1.43 12.72
N GLU B 149 -20.22 2.72 12.46
CA GLU B 149 -20.59 3.75 13.42
C GLU B 149 -19.88 3.58 14.75
N PRO B 150 -18.53 3.47 14.71
CA PRO B 150 -17.77 3.27 15.93
C PRO B 150 -17.97 4.45 16.87
N ARG B 151 -18.32 4.15 18.12
CA ARG B 151 -18.71 5.19 19.07
C ARG B 151 -18.87 4.63 20.48
N MET B 152 -19.10 5.54 21.43
CA MET B 152 -19.47 5.15 22.78
C MET B 152 -20.97 5.36 22.94
N ALA B 153 -21.71 4.26 22.97
CA ALA B 153 -23.16 4.30 23.12
C ALA B 153 -23.50 4.91 24.47
N GLY B 154 -24.51 5.76 24.49
CA GLY B 154 -24.89 6.47 25.72
C GLY B 154 -24.18 7.78 25.91
N SER B 155 -23.01 7.96 25.28
CA SER B 155 -22.21 9.17 25.47
C SER B 155 -22.95 10.39 24.94
N ALA B 156 -22.65 11.54 25.53
CA ALA B 156 -23.36 12.77 25.20
C ALA B 156 -23.24 13.12 23.71
N LYS B 157 -22.06 12.90 23.15
CA LYS B 157 -21.80 13.20 21.74
C LYS B 157 -21.78 11.94 20.87
N GLU B 158 -22.47 10.88 21.32
CA GLU B 158 -22.55 9.63 20.58
C GLU B 158 -22.89 9.85 19.11
N TRP B 159 -23.88 10.70 18.86
CA TRP B 159 -24.40 10.93 17.51
C TRP B 159 -24.00 12.28 16.90
N SER B 160 -23.04 12.96 17.52
CA SER B 160 -22.57 14.23 17.00
C SER B 160 -21.04 14.24 16.88
N GLY B 161 -20.49 13.06 16.58
CA GLY B 161 -19.07 12.96 16.24
C GLY B 161 -18.10 12.75 17.39
N GLY B 162 -18.62 12.48 18.59
CA GLY B 162 -17.78 12.16 19.75
C GLY B 162 -16.93 13.30 20.25
N THR B 163 -15.83 12.95 20.92
CA THR B 163 -14.89 13.93 21.47
C THR B 163 -13.53 13.81 20.78
N PRO B 164 -12.69 14.85 20.88
CA PRO B 164 -11.35 14.86 20.29
C PRO B 164 -10.50 13.63 20.63
N ALA B 165 -10.52 13.22 21.89
CA ALA B 165 -9.76 12.04 22.31
C ALA B 165 -10.27 10.80 21.57
N GLU B 166 -11.59 10.70 21.48
CA GLU B 166 -12.24 9.61 20.75
C GLU B 166 -11.85 9.59 19.28
N ARG B 167 -11.80 10.76 18.64
CA ARG B 167 -11.48 10.82 17.21
C ARG B 167 -10.03 10.43 16.90
N LYS B 168 -9.12 10.63 17.84
CA LYS B 168 -7.76 10.09 17.71
C LYS B 168 -7.78 8.57 17.82
N LEU B 169 -8.63 8.05 18.70
CA LEU B 169 -8.81 6.61 18.84
C LEU B 169 -9.33 6.02 17.54
N ILE B 170 -10.31 6.69 16.93
CA ILE B 170 -10.85 6.27 15.64
C ILE B 170 -9.74 6.18 14.58
N ASN B 171 -8.89 7.20 14.54
CA ASN B 171 -7.73 7.19 13.64
C ASN B 171 -6.82 5.99 13.90
N ALA B 172 -6.59 5.67 15.17
CA ALA B 172 -5.78 4.51 15.54
C ALA B 172 -6.45 3.21 15.08
N MET B 173 -7.76 3.10 15.28
CA MET B 173 -8.48 1.89 14.92
C MET B 173 -8.57 1.71 13.41
N ASN B 174 -8.72 2.81 12.68
CA ASN B 174 -8.65 2.77 11.21
C ASN B 174 -7.31 2.18 10.74
N LYS B 175 -6.22 2.68 11.31
CA LYS B 175 -4.88 2.17 10.98
C LYS B 175 -4.75 0.67 11.26
N ALA B 176 -5.28 0.22 12.40
CA ALA B 176 -5.20 -1.19 12.77
C ALA B 176 -5.91 -2.08 11.77
N PHE B 177 -7.07 -1.61 11.31
CA PHE B 177 -7.87 -2.30 10.30
C PHE B 177 -7.07 -2.52 9.03
N ILE B 178 -6.59 -1.42 8.46
CA ILE B 178 -5.81 -1.44 7.23
C ILE B 178 -4.59 -2.34 7.41
N ASP B 179 -3.85 -2.08 8.46
CA ASP B 179 -2.63 -2.82 8.75
C ASP B 179 -2.88 -4.32 8.74
N ALA B 180 -3.90 -4.74 9.47
CA ALA B 180 -4.18 -6.18 9.62
C ALA B 180 -4.57 -6.82 8.30
N VAL B 181 -5.33 -6.11 7.47
CA VAL B 181 -5.79 -6.63 6.19
C VAL B 181 -4.64 -6.71 5.21
N ARG B 182 -3.92 -5.61 5.07
CA ARG B 182 -2.80 -5.54 4.14
C ARG B 182 -1.73 -6.59 4.46
N ALA B 183 -1.56 -6.89 5.75
CA ALA B 183 -0.58 -7.88 6.19
C ALA B 183 -0.95 -9.32 5.79
N THR B 184 -2.21 -9.56 5.41
CA THR B 184 -2.60 -10.89 4.94
C THR B 184 -2.24 -11.12 3.47
N GLY B 185 -1.96 -10.05 2.72
CA GLY B 185 -1.51 -10.16 1.34
C GLY B 185 -2.58 -10.65 0.38
N GLY B 186 -2.15 -11.28 -0.71
CA GLY B 186 -3.04 -11.70 -1.78
C GLY B 186 -3.72 -10.48 -2.41
N ASN B 187 -5.00 -10.62 -2.70
CA ASN B 187 -5.77 -9.51 -3.27
C ASN B 187 -6.10 -8.44 -2.23
N ASN B 188 -5.90 -8.76 -0.95
CA ASN B 188 -6.06 -7.78 0.12
C ASN B 188 -4.99 -6.68 0.12
N ALA B 189 -3.95 -6.84 -0.70
CA ALA B 189 -2.85 -5.88 -0.74
C ALA B 189 -3.26 -4.56 -1.35
N ASP B 190 -4.14 -4.61 -2.34
CA ASP B 190 -4.68 -3.39 -2.97
C ASP B 190 -6.23 -3.35 -2.98
N ARG B 191 -6.86 -4.22 -2.20
CA ARG B 191 -8.31 -4.17 -2.01
C ARG B 191 -8.74 -2.81 -1.45
N VAL B 192 -9.79 -2.23 -2.01
CA VAL B 192 -10.36 -1.01 -1.44
C VAL B 192 -10.81 -1.28 -0.01
N LEU B 193 -10.21 -0.55 0.91
CA LEU B 193 -10.54 -0.63 2.33
C LEU B 193 -11.21 0.67 2.74
N ILE B 194 -12.42 0.56 3.29
CA ILE B 194 -13.24 1.72 3.58
C ILE B 194 -13.18 2.03 5.07
N ILE B 195 -12.58 3.17 5.40
CA ILE B 195 -12.51 3.62 6.79
C ILE B 195 -13.68 4.56 7.10
N CYS B 196 -13.77 5.00 8.35
CA CYS B 196 -14.88 5.86 8.75
C CYS B 196 -14.47 6.88 9.80
N THR B 197 -15.33 7.87 9.98
CA THR B 197 -15.24 8.82 11.08
C THR B 197 -15.90 8.22 12.30
N TYR B 198 -15.75 8.90 13.44
CA TYR B 198 -16.48 8.54 14.65
C TYR B 198 -17.95 8.51 14.31
N GLY B 199 -18.62 7.41 14.64
CA GLY B 199 -20.05 7.28 14.38
C GLY B 199 -20.49 7.44 12.93
N HIS B 200 -19.53 7.44 12.00
CA HIS B 200 -19.79 7.76 10.60
C HIS B 200 -20.36 9.18 10.41
N ASN B 201 -20.10 10.06 11.38
CA ASN B 201 -20.63 11.42 11.36
C ASN B 201 -19.85 12.29 10.37
N SER B 202 -20.55 13.19 9.71
CA SER B 202 -19.93 14.02 8.68
C SER B 202 -19.92 15.51 9.02
N ASP B 203 -19.90 15.86 10.30
CA ASP B 203 -19.80 17.26 10.71
C ASP B 203 -18.35 17.72 10.58
N GLU B 204 -18.17 19.03 10.40
CA GLU B 204 -16.86 19.61 10.11
C GLU B 204 -15.77 19.25 11.14
N PRO B 205 -16.08 19.32 12.45
CA PRO B 205 -15.09 18.96 13.46
C PRO B 205 -14.73 17.48 13.42
N THR B 206 -15.72 16.64 13.09
CA THR B 206 -15.51 15.21 12.94
C THR B 206 -14.58 14.95 11.75
N LEU B 207 -14.81 15.65 10.64
CA LEU B 207 -14.00 15.48 9.43
C LEU B 207 -12.62 16.12 9.56
N LYS B 208 -12.56 17.30 10.18
CA LYS B 208 -11.30 18.00 10.38
C LYS B 208 -10.28 17.10 11.10
N ASP B 209 -10.76 16.31 12.06
CA ASP B 209 -9.88 15.46 12.87
C ASP B 209 -9.54 14.11 12.23
N LEU B 210 -10.01 13.87 11.01
CA LEU B 210 -9.82 12.57 10.37
C LEU B 210 -8.46 12.46 9.72
N GLU B 211 -7.67 11.50 10.22
CA GLU B 211 -6.35 11.23 9.68
C GLU B 211 -6.50 10.43 8.38
N ILE B 212 -5.93 10.92 7.29
CA ILE B 212 -5.99 10.25 6.00
C ILE B 212 -4.75 9.36 5.85
N PRO B 213 -4.95 8.02 5.81
CA PRO B 213 -3.80 7.14 5.59
C PRO B 213 -3.16 7.36 4.22
N SER B 214 -1.86 7.15 4.15
CA SER B 214 -1.12 7.32 2.90
C SER B 214 -1.44 6.18 1.93
N ASP B 215 -1.93 5.06 2.44
CA ASP B 215 -2.36 3.96 1.59
C ASP B 215 -3.34 4.48 0.54
N PRO B 216 -3.02 4.29 -0.75
CA PRO B 216 -3.79 4.89 -1.83
C PRO B 216 -5.07 4.15 -2.19
N ASN B 217 -5.28 2.96 -1.62
CA ASN B 217 -6.43 2.13 -1.94
C ASN B 217 -7.46 2.11 -0.81
N ILE B 218 -7.90 3.31 -0.43
CA ILE B 218 -8.91 3.47 0.61
C ILE B 218 -10.03 4.40 0.18
N ALA B 219 -11.11 4.38 0.94
CA ALA B 219 -12.18 5.35 0.81
C ALA B 219 -12.71 5.68 2.19
N VAL B 220 -13.32 6.85 2.32
CA VAL B 220 -13.91 7.29 3.57
C VAL B 220 -15.42 7.07 3.51
N ALA B 221 -15.96 6.36 4.48
CA ALA B 221 -17.40 6.14 4.55
C ALA B 221 -18.04 7.11 5.52
N LEU B 222 -19.22 7.58 5.16
CA LEU B 222 -20.05 8.40 6.05
C LEU B 222 -21.48 7.92 5.93
N HIS B 223 -22.27 8.18 6.98
CA HIS B 223 -23.70 7.93 6.94
C HIS B 223 -24.44 9.24 7.05
N THR B 224 -25.34 9.48 6.12
CA THR B 224 -26.05 10.75 6.03
C THR B 224 -27.50 10.48 5.70
N TYR B 225 -28.32 10.39 6.73
CA TYR B 225 -29.75 10.31 6.53
C TYR B 225 -30.28 11.73 6.68
N THR B 226 -29.85 12.61 5.77
CA THR B 226 -30.00 14.04 5.93
C THR B 226 -31.16 14.57 5.09
N PRO B 227 -32.05 15.38 5.68
CA PRO B 227 -32.10 15.76 7.09
C PRO B 227 -32.74 14.70 7.97
N TYR B 228 -32.20 14.51 9.17
CA TYR B 228 -32.69 13.53 10.12
C TYR B 228 -34.21 13.58 10.32
N PHE B 229 -34.75 14.78 10.50
CA PHE B 229 -36.19 14.97 10.76
C PHE B 229 -37.11 14.64 9.58
N PHE B 230 -36.56 14.51 8.38
CA PHE B 230 -37.32 13.97 7.26
C PHE B 230 -37.22 12.44 7.22
N THR B 231 -36.01 11.94 7.43
CA THR B 231 -35.72 10.52 7.25
C THR B 231 -36.18 9.64 8.40
N TYR B 232 -36.08 10.15 9.63
CA TYR B 232 -36.48 9.40 10.83
C TYR B 232 -37.78 9.91 11.44
N VAL B 233 -38.35 9.09 12.32
CA VAL B 233 -39.53 9.45 13.10
C VAL B 233 -39.09 9.90 14.48
N ALA B 234 -39.58 11.07 14.90
CA ALA B 234 -39.17 11.68 16.17
C ALA B 234 -40.03 12.91 16.47
N ASP B 235 -40.03 13.34 17.72
CA ASP B 235 -40.65 14.61 18.08
C ASP B 235 -39.92 15.73 17.32
N GLY B 236 -40.65 16.41 16.45
CA GLY B 236 -40.08 17.45 15.57
C GLY B 236 -39.87 17.00 14.14
N SER B 237 -40.29 15.78 13.80
CA SER B 237 -40.02 15.20 12.47
C SER B 237 -41.17 15.45 11.50
N TYR B 238 -40.81 15.58 10.23
CA TYR B 238 -41.78 15.94 9.19
C TYR B 238 -41.67 14.97 8.01
N SER B 239 -42.74 14.90 7.22
CA SER B 239 -42.86 13.99 6.09
C SER B 239 -43.02 14.70 4.75
N VAL B 240 -43.01 16.02 4.76
CA VAL B 240 -43.17 16.83 3.55
C VAL B 240 -41.80 17.23 3.05
N TRP B 241 -41.57 17.07 1.74
CA TRP B 241 -40.36 17.58 1.12
C TRP B 241 -40.70 18.52 -0.02
N ASN B 242 -40.52 19.82 0.22
CA ASN B 242 -40.77 20.84 -0.79
C ASN B 242 -39.47 21.38 -1.38
N GLY B 243 -38.35 21.09 -0.74
CA GLY B 243 -37.05 21.60 -1.17
C GLY B 243 -36.47 22.64 -0.23
N SER B 244 -37.30 23.23 0.63
CA SER B 244 -36.84 24.26 1.56
C SER B 244 -35.68 23.80 2.45
N LYS B 245 -35.67 22.52 2.80
CA LYS B 245 -34.61 21.96 3.64
C LYS B 245 -33.41 21.42 2.85
N LYS B 246 -33.41 21.61 1.53
CA LYS B 246 -32.31 21.16 0.68
C LYS B 246 -30.95 21.71 1.13
N ASN B 247 -30.93 22.94 1.63
CA ASN B 247 -29.67 23.55 2.04
C ASN B 247 -28.98 22.81 3.21
N ASP B 248 -29.75 22.05 3.98
CA ASP B 248 -29.18 21.15 4.99
C ASP B 248 -28.29 20.08 4.36
N ILE B 249 -28.69 19.60 3.18
CA ILE B 249 -27.93 18.61 2.44
C ILE B 249 -26.70 19.28 1.79
N THR B 250 -26.93 20.44 1.17
CA THR B 250 -25.89 21.18 0.46
C THR B 250 -24.79 21.63 1.41
N TRP B 251 -25.20 22.17 2.55
CA TRP B 251 -24.28 22.63 3.59
C TRP B 251 -23.33 21.49 3.99
N GLN B 252 -23.91 20.33 4.25
CA GLN B 252 -23.18 19.14 4.65
C GLN B 252 -22.25 18.61 3.56
N TYR B 253 -22.75 18.57 2.33
CA TYR B 253 -21.96 18.11 1.19
C TYR B 253 -20.71 18.97 0.99
N ASN B 254 -20.86 20.28 1.18
CA ASN B 254 -19.74 21.20 1.00
C ASN B 254 -18.58 20.90 1.93
N ASN B 255 -18.90 20.47 3.16
CA ASN B 255 -17.88 20.03 4.10
C ASN B 255 -17.20 18.75 3.65
N ILE B 256 -17.99 17.81 3.12
CA ILE B 256 -17.43 16.58 2.60
C ILE B 256 -16.52 16.90 1.42
N LYS B 257 -16.97 17.80 0.55
CA LYS B 257 -16.13 18.27 -0.57
C LYS B 257 -14.84 18.92 -0.07
N LYS B 258 -14.96 19.81 0.91
CA LYS B 258 -13.83 20.57 1.39
C LYS B 258 -12.75 19.66 1.98
N TYR B 259 -13.17 18.76 2.87
CA TYR B 259 -12.24 17.91 3.61
C TYR B 259 -11.82 16.63 2.88
N LEU B 260 -12.60 16.20 1.89
CA LEU B 260 -12.35 14.91 1.23
C LEU B 260 -12.27 14.98 -0.30
N ILE B 261 -13.37 15.34 -0.96
CA ILE B 261 -13.42 15.25 -2.43
C ILE B 261 -12.39 16.18 -3.07
N ASP B 262 -12.42 17.46 -2.67
CA ASP B 262 -11.50 18.46 -3.22
C ASP B 262 -10.04 18.21 -2.85
N LYS B 263 -9.78 17.26 -1.96
CA LYS B 263 -8.42 16.79 -1.68
C LYS B 263 -8.10 15.48 -2.41
N GLY B 264 -9.00 15.01 -3.27
CA GLY B 264 -8.79 13.80 -4.05
C GLY B 264 -8.99 12.51 -3.27
N ILE B 265 -9.78 12.56 -2.21
CA ILE B 265 -10.01 11.40 -1.35
C ILE B 265 -11.35 10.76 -1.70
N PRO B 266 -11.35 9.46 -2.01
CA PRO B 266 -12.64 8.83 -2.33
C PRO B 266 -13.58 8.76 -1.13
N VAL B 267 -14.83 9.12 -1.34
CA VAL B 267 -15.86 9.07 -0.32
C VAL B 267 -17.03 8.20 -0.77
N VAL B 268 -17.61 7.47 0.19
CA VAL B 268 -18.77 6.63 -0.06
C VAL B 268 -19.79 6.81 1.05
N ILE B 269 -21.05 6.99 0.69
CA ILE B 269 -22.14 6.99 1.66
C ILE B 269 -22.60 5.56 1.81
N THR B 270 -22.11 4.87 2.83
CA THR B 270 -22.41 3.45 2.97
C THR B 270 -23.78 3.19 3.60
N GLU B 271 -24.41 4.24 4.13
CA GLU B 271 -25.82 4.18 4.54
C GLU B 271 -26.54 5.50 4.34
N THR B 272 -27.77 5.42 3.85
CA THR B 272 -28.70 6.53 3.82
C THR B 272 -30.08 5.98 3.45
N GLY B 273 -31.08 6.86 3.46
CA GLY B 273 -32.46 6.46 3.13
C GLY B 273 -33.51 7.27 3.88
N ALA B 274 -34.78 7.00 3.58
CA ALA B 274 -35.90 7.70 4.22
C ALA B 274 -36.96 6.72 4.66
N GLN B 275 -37.32 6.77 5.94
CA GLN B 275 -38.38 5.91 6.48
C GLN B 275 -39.70 6.24 5.81
N PHE B 276 -40.49 5.21 5.52
CA PHE B 276 -41.74 5.43 4.82
C PHE B 276 -42.79 6.03 5.75
N LYS B 277 -43.22 7.25 5.43
CA LYS B 277 -44.22 7.98 6.19
C LYS B 277 -45.43 8.29 5.29
N GLU B 278 -45.90 7.27 4.56
CA GLU B 278 -47.05 7.43 3.67
C GLU B 278 -46.88 8.66 2.75
N ASN B 279 -45.67 8.82 2.23
CA ASN B 279 -45.29 10.07 1.57
C ASN B 279 -44.37 9.81 0.36
N THR B 280 -44.85 8.98 -0.56
CA THR B 280 -44.06 8.54 -1.70
C THR B 280 -43.46 9.69 -2.50
N GLU B 281 -44.31 10.64 -2.88
CA GLU B 281 -43.88 11.75 -3.74
C GLU B 281 -42.82 12.62 -3.09
N ASP B 282 -42.92 12.78 -1.77
CA ASP B 282 -41.96 13.57 -1.01
C ASP B 282 -40.59 12.91 -0.98
N ILE B 283 -40.57 11.60 -0.76
CA ILE B 283 -39.32 10.83 -0.76
C ILE B 283 -38.69 10.83 -2.16
N VAL B 284 -39.51 10.70 -3.20
CA VAL B 284 -39.01 10.81 -4.57
C VAL B 284 -38.28 12.14 -4.78
N ARG B 285 -38.85 13.24 -4.29
CA ARG B 285 -38.22 14.55 -4.44
C ARG B 285 -36.94 14.64 -3.60
N TRP B 286 -36.98 14.10 -2.38
CA TRP B 286 -35.80 14.05 -1.51
C TRP B 286 -34.66 13.27 -2.18
N ILE B 287 -34.99 12.15 -2.82
CA ILE B 287 -33.99 11.37 -3.55
C ILE B 287 -33.35 12.19 -4.67
N GLY B 288 -34.17 12.91 -5.43
CA GLY B 288 -33.67 13.81 -6.46
C GLY B 288 -32.71 14.84 -5.93
N ASP B 289 -33.07 15.47 -4.81
CA ASP B 289 -32.21 16.46 -4.19
C ASP B 289 -30.98 15.83 -3.56
N TYR B 290 -31.19 14.76 -2.81
CA TYR B 290 -30.10 14.16 -2.04
C TYR B 290 -29.08 13.42 -2.92
N VAL B 291 -29.54 12.43 -3.67
CA VAL B 291 -28.65 11.66 -4.54
C VAL B 291 -28.11 12.51 -5.69
N GLY B 292 -28.92 13.46 -6.16
CA GLY B 292 -28.50 14.41 -7.17
C GLY B 292 -27.35 15.29 -6.71
N THR B 293 -27.28 15.53 -5.41
CA THR B 293 -26.16 16.26 -4.83
C THR B 293 -24.88 15.42 -4.90
N LEU B 294 -25.00 14.14 -4.56
CA LEU B 294 -23.84 13.22 -4.57
C LEU B 294 -23.34 13.01 -5.98
N ASP B 295 -24.26 13.02 -6.96
CA ASP B 295 -23.92 12.81 -8.36
C ASP B 295 -23.12 13.95 -8.98
N GLN B 296 -23.18 15.14 -8.38
CA GLN B 296 -22.36 16.27 -8.83
C GLN B 296 -20.87 15.91 -8.92
N ASP B 297 -20.40 15.00 -8.06
CA ASP B 297 -18.99 14.58 -8.06
C ASP B 297 -18.81 13.06 -8.16
N GLY B 298 -19.84 12.36 -8.60
CA GLY B 298 -19.76 10.91 -8.78
C GLY B 298 -19.70 10.08 -7.50
N VAL B 299 -20.13 10.67 -6.39
CA VAL B 299 -20.15 9.95 -5.11
C VAL B 299 -21.32 8.96 -5.09
N LYS B 300 -21.03 7.73 -4.71
CA LYS B 300 -22.02 6.67 -4.66
C LYS B 300 -22.55 6.47 -3.25
N CYS B 301 -23.78 5.97 -3.15
CA CYS B 301 -24.40 5.73 -1.86
C CYS B 301 -25.03 4.36 -1.81
N PHE B 302 -25.17 3.84 -0.59
CA PHE B 302 -25.82 2.56 -0.33
C PHE B 302 -27.04 2.82 0.54
N ILE B 303 -28.20 2.36 0.09
CA ILE B 303 -29.45 2.63 0.80
C ILE B 303 -29.68 1.56 1.86
N TRP B 304 -30.08 1.98 3.06
CA TRP B 304 -30.39 1.04 4.14
C TRP B 304 -31.75 0.41 3.93
N ASP B 305 -31.80 -0.93 3.93
CA ASP B 305 -33.04 -1.67 3.73
C ASP B 305 -33.11 -2.80 4.74
N ASN B 306 -34.01 -2.67 5.70
CA ASN B 306 -34.16 -3.64 6.78
C ASN B 306 -35.42 -4.49 6.64
N ASN B 307 -36.10 -4.38 5.49
CA ASN B 307 -37.30 -5.16 5.20
C ASN B 307 -38.46 -4.85 6.18
N ILE B 308 -38.54 -3.62 6.66
CA ILE B 308 -39.66 -3.18 7.47
C ILE B 308 -40.42 -2.11 6.69
N TYR B 309 -41.69 -2.36 6.44
CA TYR B 309 -42.51 -1.44 5.66
C TYR B 309 -43.94 -1.40 6.16
N HIS B 310 -44.60 -2.55 6.17
CA HIS B 310 -45.98 -2.64 6.65
C HIS B 310 -46.04 -2.65 8.17
N GLY B 311 -45.32 -3.58 8.78
CA GLY B 311 -45.30 -3.73 10.22
C GLY B 311 -44.66 -2.56 10.94
N ASN B 312 -44.63 -2.66 12.27
CA ASN B 312 -44.07 -1.62 13.13
C ASN B 312 -42.54 -1.64 13.14
N GLY B 313 -41.95 -0.46 13.35
CA GLY B 313 -40.50 -0.27 13.32
C GLY B 313 -40.08 0.81 12.34
N GLU B 314 -38.77 1.05 12.23
CA GLU B 314 -38.26 2.06 11.30
C GLU B 314 -38.47 1.55 9.88
N LYS B 315 -39.39 2.19 9.16
CA LYS B 315 -39.85 1.69 7.86
C LYS B 315 -38.89 2.03 6.71
N PHE B 316 -37.71 1.41 6.72
CA PHE B 316 -36.71 1.59 5.66
C PHE B 316 -36.84 0.52 4.55
N GLY B 317 -37.78 -0.41 4.73
CA GLY B 317 -37.95 -1.52 3.81
C GLY B 317 -38.23 -1.07 2.39
N LEU B 318 -37.65 -1.77 1.43
CA LEU B 318 -37.86 -1.50 0.00
C LEU B 318 -38.15 -2.78 -0.77
N LEU B 319 -37.38 -3.84 -0.51
CA LEU B 319 -37.62 -5.15 -1.11
C LEU B 319 -38.42 -6.03 -0.16
N ASN B 320 -39.59 -6.51 -0.59
CA ASN B 320 -40.28 -7.55 0.16
C ASN B 320 -39.58 -8.87 -0.13
N ARG B 321 -38.71 -9.27 0.80
CA ARG B 321 -37.79 -10.37 0.57
C ARG B 321 -38.48 -11.72 0.39
N SER B 322 -39.60 -11.91 1.07
CA SER B 322 -40.35 -13.17 0.98
C SER B 322 -41.14 -13.29 -0.32
N LEU B 323 -41.53 -12.17 -0.92
CA LEU B 323 -42.29 -12.17 -2.18
C LEU B 323 -41.44 -11.83 -3.40
N LEU B 324 -40.21 -11.38 -3.17
CA LEU B 324 -39.32 -10.89 -4.22
C LEU B 324 -39.97 -9.79 -5.07
N LYS B 325 -40.80 -9.00 -4.40
CA LYS B 325 -41.43 -7.82 -4.98
C LYS B 325 -40.99 -6.63 -4.16
N TRP B 326 -40.92 -5.46 -4.78
CA TRP B 326 -40.58 -4.24 -4.05
C TRP B 326 -41.83 -3.66 -3.40
N TYR B 327 -41.66 -3.10 -2.21
CA TYR B 327 -42.77 -2.47 -1.48
C TYR B 327 -43.30 -1.22 -2.16
N ASN B 328 -42.39 -0.46 -2.79
CA ASN B 328 -42.73 0.81 -3.41
C ASN B 328 -41.87 1.08 -4.64
N ASP B 329 -42.42 0.81 -5.81
CA ASP B 329 -41.67 0.94 -7.05
C ASP B 329 -41.35 2.37 -7.45
N ASP B 330 -42.11 3.34 -6.97
CA ASP B 330 -41.84 4.74 -7.31
C ASP B 330 -40.56 5.22 -6.63
N ILE B 331 -40.40 4.86 -5.36
CA ILE B 331 -39.23 5.24 -4.58
C ILE B 331 -37.99 4.53 -5.16
N VAL B 332 -38.13 3.23 -5.40
CA VAL B 332 -37.03 2.45 -5.95
C VAL B 332 -36.59 3.01 -7.31
N ASP B 333 -37.57 3.31 -8.16
CA ASP B 333 -37.29 3.87 -9.49
C ASP B 333 -36.40 5.11 -9.40
N ALA B 334 -36.73 6.00 -8.48
CA ALA B 334 -35.93 7.21 -8.27
C ALA B 334 -34.49 6.87 -7.91
N TYR B 335 -34.30 5.88 -7.05
CA TYR B 335 -32.95 5.43 -6.66
C TYR B 335 -32.18 4.85 -7.84
N VAL B 336 -32.71 3.81 -8.46
CA VAL B 336 -31.94 3.08 -9.49
C VAL B 336 -31.79 3.86 -10.79
N ASN B 337 -32.72 4.76 -11.08
CA ASN B 337 -32.63 5.60 -12.29
C ASN B 337 -32.09 6.99 -11.99
N HIS B 338 -31.41 7.14 -10.87
CA HIS B 338 -30.93 8.45 -10.41
C HIS B 338 -30.06 9.20 -11.43
N ALA B 339 -29.36 8.45 -12.29
CA ALA B 339 -28.59 9.05 -13.38
C ALA B 339 -29.49 9.39 -14.56
#